data_8S03
#
_entry.id   8S03
#
_cell.length_a   1.000
_cell.length_b   1.000
_cell.length_c   1.000
_cell.angle_alpha   90.00
_cell.angle_beta   90.00
_cell.angle_gamma   90.00
#
_symmetry.space_group_name_H-M   'P 1'
#
loop_
_entity.id
_entity.type
_entity.pdbx_description
1 polymer Mucin-2
2 non-polymer 'CALCIUM ION'
#
_entity_poly.entity_id   1
_entity_poly.type   'polypeptide(L)'
_entity_poly.pdbx_seq_one_letter_code
;DAAQPARRAVRSSSELTSEQKLISEEDLSSPCVPLCNWTGWLDSGKPNFHKPGGDTELIGDVCGPGWAANISCRATMYPD
VPIGQLGQTVVCDVSVGLICKNEDQKPGGVIPMAFCLNYEINVQCCECVTQPTTMTTTTTEN
;
_entity_poly.pdbx_strand_id   A
#
loop_
_chem_comp.id
_chem_comp.type
_chem_comp.name
_chem_comp.formula
CA non-polymer 'CALCIUM ION' 'Ca 2'
#
# COMPACT_ATOMS: atom_id res chain seq x y z
N SER A 30 33.97 7.52 10.27
CA SER A 30 33.44 6.17 9.80
C SER A 30 31.87 6.16 9.54
N PRO A 31 31.44 6.42 8.22
CA PRO A 31 30.03 6.41 7.83
C PRO A 31 29.46 5.02 7.47
N CYS A 32 28.14 4.94 7.43
CA CYS A 32 27.42 3.73 7.04
C CYS A 32 26.88 3.85 5.61
N VAL A 33 26.40 2.75 5.07
CA VAL A 33 25.91 2.68 3.69
C VAL A 33 24.51 2.01 3.62
N PRO A 34 23.45 2.81 3.33
CA PRO A 34 22.09 2.26 3.21
C PRO A 34 21.95 1.11 2.22
N LEU A 35 21.06 0.16 2.55
CA LEU A 35 20.77 -0.99 1.71
C LEU A 35 19.30 -1.01 1.36
N CYS A 36 19.00 -0.64 0.12
CA CYS A 36 17.62 -0.53 -0.32
C CYS A 36 17.06 -1.90 -0.69
N ASN A 37 16.30 -2.46 0.25
CA ASN A 37 15.69 -3.78 0.10
C ASN A 37 14.16 -3.74 0.28
N TRP A 38 13.46 -4.63 -0.41
CA TRP A 38 12.00 -4.68 -0.31
C TRP A 38 11.56 -5.19 1.05
N THR A 39 10.70 -4.42 1.69
CA THR A 39 10.16 -4.73 3.01
C THR A 39 9.42 -6.06 3.05
N GLY A 40 8.93 -6.49 1.89
CA GLY A 40 8.09 -7.65 1.82
C GLY A 40 6.73 -7.02 1.81
N TRP A 41 5.77 -7.78 1.34
CA TRP A 41 4.38 -7.35 1.29
C TRP A 41 4.00 -7.09 2.75
N LEU A 42 3.53 -5.89 3.04
CA LEU A 42 3.10 -5.54 4.42
C LEU A 42 1.83 -4.73 4.40
N ASP A 43 1.23 -4.62 5.56
CA ASP A 43 -0.15 -4.18 5.66
C ASP A 43 -0.55 -3.35 6.89
N SER A 44 -0.38 -2.04 6.80
CA SER A 44 -0.82 -1.14 7.85
C SER A 44 -2.28 -0.76 7.56
N GLY A 45 -3.20 -1.26 8.38
CA GLY A 45 -4.60 -1.02 8.14
C GLY A 45 -5.21 -2.12 7.29
N LYS A 46 -6.44 -2.51 7.64
CA LYS A 46 -7.17 -3.58 6.95
C LYS A 46 -8.67 -3.44 7.25
N PRO A 47 -9.56 -3.91 6.34
CA PRO A 47 -11.01 -3.74 6.49
C PRO A 47 -11.63 -4.45 7.68
N ASN A 48 -10.98 -5.50 8.17
CA ASN A 48 -11.54 -6.26 9.28
C ASN A 48 -11.19 -5.63 10.63
N PHE A 49 -10.61 -4.44 10.63
CA PHE A 49 -10.21 -3.78 11.87
C PHE A 49 -11.31 -2.95 12.46
N HIS A 50 -12.05 -2.23 11.58
CA HIS A 50 -13.11 -1.32 12.08
C HIS A 50 -14.03 -0.80 10.97
N LYS A 51 -13.48 -0.49 9.78
CA LYS A 51 -14.27 0.08 8.66
C LYS A 51 -13.73 -0.67 7.47
N PRO A 52 -14.52 -0.82 6.39
CA PRO A 52 -13.96 -1.52 5.22
C PRO A 52 -12.84 -0.73 4.52
N GLY A 53 -13.18 0.33 3.81
CA GLY A 53 -12.17 1.10 3.11
C GLY A 53 -11.43 2.02 4.07
N GLY A 54 -10.36 2.64 3.58
CA GLY A 54 -9.52 3.48 4.42
C GLY A 54 -8.18 2.83 4.66
N ASP A 55 -7.63 2.18 3.65
CA ASP A 55 -6.38 1.40 3.84
C ASP A 55 -5.28 2.35 3.41
N THR A 56 -4.64 2.93 4.40
CA THR A 56 -3.64 3.93 4.12
C THR A 56 -2.34 3.41 4.66
N GLU A 57 -1.50 2.98 3.74
CA GLU A 57 -0.22 2.38 4.08
C GLU A 57 0.80 3.38 3.61
N LEU A 58 1.20 4.31 4.46
CA LEU A 58 2.10 5.37 4.03
C LEU A 58 3.52 5.06 4.45
N ILE A 59 4.38 4.89 3.45
CA ILE A 59 5.79 4.62 3.67
C ILE A 59 6.56 5.93 3.74
N GLY A 60 6.13 6.89 2.93
CA GLY A 60 6.88 8.12 2.74
C GLY A 60 7.34 8.83 3.99
N ASP A 61 6.48 8.95 4.99
CA ASP A 61 6.87 9.63 6.24
C ASP A 61 7.35 8.64 7.29
N VAL A 62 7.45 7.36 6.91
CA VAL A 62 7.93 6.30 7.78
C VAL A 62 9.41 5.91 7.55
N CYS A 63 9.79 5.58 6.31
CA CYS A 63 11.14 5.10 6.04
C CYS A 63 12.16 6.23 5.86
N GLY A 64 11.67 7.44 5.60
CA GLY A 64 12.57 8.55 5.32
C GLY A 64 11.93 9.57 4.41
N PRO A 65 11.24 10.58 4.96
CA PRO A 65 10.56 11.55 4.11
C PRO A 65 11.44 12.30 3.12
N GLY A 66 11.21 11.96 1.86
CA GLY A 66 11.90 12.55 0.72
C GLY A 66 12.66 11.50 -0.07
N TRP A 67 12.43 10.24 0.26
CA TRP A 67 13.04 9.13 -0.47
C TRP A 67 12.54 8.95 -1.89
N ALA A 68 13.31 8.17 -2.62
CA ALA A 68 13.00 7.77 -3.99
C ALA A 68 13.38 6.30 -4.13
N ALA A 69 12.38 5.46 -4.05
CA ALA A 69 12.56 4.01 -4.06
C ALA A 69 11.35 3.37 -4.74
N ASN A 70 11.31 2.06 -4.85
CA ASN A 70 10.20 1.44 -5.64
C ASN A 70 9.14 0.83 -4.74
N ILE A 71 7.87 1.01 -5.14
CA ILE A 71 6.71 0.55 -4.42
C ILE A 71 6.01 -0.40 -5.35
N SER A 72 5.36 -1.40 -4.76
CA SER A 72 4.47 -2.28 -5.46
C SER A 72 3.21 -2.36 -4.64
N CYS A 73 2.07 -1.99 -5.20
CA CYS A 73 0.76 -2.02 -4.55
C CYS A 73 -0.21 -3.11 -5.07
N ARG A 74 -0.67 -3.97 -4.22
CA ARG A 74 -1.59 -5.03 -4.62
C ARG A 74 -2.59 -5.34 -3.53
N ALA A 75 -3.52 -6.22 -3.85
CA ALA A 75 -4.51 -6.76 -2.90
C ALA A 75 -4.12 -8.22 -2.73
N THR A 76 -4.34 -8.78 -1.55
CA THR A 76 -4.06 -10.20 -1.33
C THR A 76 -4.70 -11.13 -2.38
N MET A 77 -5.90 -10.78 -2.85
CA MET A 77 -6.61 -11.59 -3.83
C MET A 77 -6.32 -11.18 -5.26
N TYR A 78 -5.59 -10.08 -5.41
CA TYR A 78 -5.20 -9.59 -6.73
C TYR A 78 -3.66 -9.25 -6.71
N PRO A 79 -2.79 -10.26 -6.57
CA PRO A 79 -1.35 -10.00 -6.44
C PRO A 79 -0.71 -9.60 -7.78
N ASP A 80 -1.42 -9.82 -8.87
CA ASP A 80 -0.89 -9.51 -10.21
C ASP A 80 -1.43 -8.17 -10.70
N VAL A 81 -2.63 -7.79 -10.28
CA VAL A 81 -3.32 -6.66 -10.89
C VAL A 81 -3.31 -5.39 -10.02
N PRO A 82 -2.90 -4.23 -10.62
CA PRO A 82 -2.95 -2.98 -9.83
C PRO A 82 -4.33 -2.72 -9.29
N ILE A 83 -4.45 -2.41 -8.01
CA ILE A 83 -5.73 -2.40 -7.39
C ILE A 83 -6.77 -1.51 -8.10
N GLY A 84 -6.49 -0.24 -8.51
CA GLY A 84 -7.46 0.51 -9.39
C GLY A 84 -8.03 -0.28 -10.57
N GLN A 85 -7.27 -1.16 -11.20
CA GLN A 85 -7.79 -1.88 -12.32
C GLN A 85 -8.99 -2.77 -12.00
N LEU A 86 -9.07 -3.34 -10.81
CA LEU A 86 -10.21 -4.18 -10.46
C LEU A 86 -11.52 -3.38 -10.22
N GLY A 87 -11.51 -2.09 -10.53
CA GLY A 87 -12.67 -1.23 -10.39
C GLY A 87 -12.65 -0.49 -9.05
N GLN A 88 -11.44 -0.29 -8.57
CA GLN A 88 -11.16 0.33 -7.28
C GLN A 88 -10.77 1.80 -7.38
N THR A 89 -10.94 2.53 -6.28
CA THR A 89 -10.42 3.89 -6.19
C THR A 89 -9.59 3.98 -4.97
N VAL A 90 -8.34 3.89 -5.34
CA VAL A 90 -7.24 3.80 -4.49
C VAL A 90 -6.23 4.57 -5.25
N VAL A 91 -5.24 4.99 -4.48
CA VAL A 91 -4.02 5.63 -5.01
C VAL A 91 -2.85 5.12 -4.27
N CYS A 92 -2.13 4.25 -4.97
CA CYS A 92 -0.92 3.76 -4.45
C CYS A 92 0.13 4.63 -5.17
N ASP A 93 0.63 5.65 -4.40
CA ASP A 93 1.53 6.68 -4.98
C ASP A 93 3.00 6.45 -4.70
N VAL A 94 3.82 6.57 -5.74
CA VAL A 94 5.26 6.33 -5.66
C VAL A 94 6.05 7.23 -4.72
N SER A 95 5.51 8.36 -4.32
CA SER A 95 6.21 9.25 -3.40
C SER A 95 5.75 9.13 -1.96
N VAL A 96 4.59 8.52 -1.73
CA VAL A 96 4.08 8.40 -0.35
C VAL A 96 3.64 7.01 0.15
N GLY A 97 3.12 6.14 -0.68
CA GLY A 97 2.59 4.86 -0.23
C GLY A 97 1.16 4.75 -0.69
N LEU A 98 0.41 3.83 -0.09
CA LEU A 98 -0.95 3.59 -0.49
C LEU A 98 -2.02 4.38 0.22
N ILE A 99 -3.02 4.75 -0.55
CA ILE A 99 -4.18 5.47 -0.08
C ILE A 99 -5.47 4.85 -0.67
N CYS A 100 -6.08 3.92 0.06
CA CYS A 100 -7.38 3.34 -0.32
C CYS A 100 -8.42 4.07 0.50
N LYS A 101 -9.31 4.76 -0.18
CA LYS A 101 -10.46 5.42 0.46
C LYS A 101 -11.63 5.40 -0.52
N ASN A 102 -12.56 4.47 -0.35
CA ASN A 102 -13.78 4.49 -1.16
C ASN A 102 -14.85 5.21 -0.37
N GLU A 103 -15.23 6.40 -0.83
CA GLU A 103 -16.27 7.19 -0.18
C GLU A 103 -17.66 6.86 -0.73
N ASP A 104 -17.77 6.69 -2.04
CA ASP A 104 -19.06 6.43 -2.67
C ASP A 104 -19.50 4.97 -2.54
N GLN A 105 -20.65 4.76 -1.92
CA GLN A 105 -21.19 3.43 -1.67
C GLN A 105 -21.33 2.59 -2.95
N LYS A 106 -21.00 1.30 -2.84
CA LYS A 106 -21.10 0.38 -3.97
C LYS A 106 -21.44 -1.05 -3.50
N PRO A 107 -22.73 -1.38 -3.41
CA PRO A 107 -23.06 -2.74 -2.98
C PRO A 107 -22.83 -3.78 -4.09
N GLY A 108 -22.49 -5.01 -3.68
CA GLY A 108 -22.27 -6.08 -4.64
C GLY A 108 -20.85 -6.13 -5.17
N GLY A 109 -20.57 -7.11 -6.02
CA GLY A 109 -19.24 -7.27 -6.58
C GLY A 109 -19.12 -8.63 -7.23
N VAL A 110 -17.94 -8.93 -7.77
CA VAL A 110 -17.67 -10.23 -8.41
C VAL A 110 -16.67 -10.99 -7.53
N ILE A 111 -16.52 -10.47 -6.32
CA ILE A 111 -15.60 -10.98 -5.31
C ILE A 111 -16.55 -10.95 -4.10
N PRO A 112 -16.44 -11.91 -3.15
CA PRO A 112 -17.35 -11.86 -1.98
C PRO A 112 -16.90 -10.80 -0.94
N MET A 113 -16.63 -9.61 -1.42
CA MET A 113 -16.12 -8.51 -0.60
C MET A 113 -16.54 -7.22 -1.33
N ALA A 114 -16.65 -6.15 -0.58
CA ALA A 114 -17.01 -4.82 -1.07
C ALA A 114 -15.79 -4.10 -1.67
N PHE A 115 -16.05 -2.88 -2.12
CA PHE A 115 -15.02 -1.90 -2.53
C PHE A 115 -13.93 -1.77 -1.45
N CYS A 116 -12.81 -1.17 -1.83
CA CYS A 116 -11.66 -0.92 -0.95
C CYS A 116 -11.46 -2.00 0.16
N LEU A 117 -10.90 -3.10 -0.26
CA LEU A 117 -10.60 -4.26 0.59
C LEU A 117 -9.16 -4.18 0.98
N ASN A 118 -8.67 -5.12 1.75
CA ASN A 118 -7.29 -5.02 2.18
C ASN A 118 -6.33 -4.94 0.99
N TYR A 119 -5.49 -3.92 1.07
CA TYR A 119 -4.48 -3.74 0.12
C TYR A 119 -3.20 -3.68 0.92
N GLU A 120 -2.14 -3.83 0.20
CA GLU A 120 -0.82 -3.98 0.76
C GLU A 120 0.17 -3.37 -0.19
N ILE A 121 1.31 -3.00 0.34
CA ILE A 121 2.38 -2.54 -0.43
C ILE A 121 3.63 -3.22 -0.07
N ASN A 122 4.56 -3.08 -1.01
CA ASN A 122 5.92 -3.65 -0.83
C ASN A 122 6.75 -2.49 -1.23
N VAL A 123 7.64 -1.99 -0.40
CA VAL A 123 8.47 -0.86 -0.80
C VAL A 123 9.91 -1.22 -0.52
N GLN A 124 10.79 -0.68 -1.34
CA GLN A 124 12.19 -0.95 -1.25
C GLN A 124 12.88 0.18 -0.45
N CYS A 125 12.80 0.11 0.87
CA CYS A 125 13.39 1.16 1.72
C CYS A 125 14.89 0.82 2.06
N CYS A 126 15.64 1.88 2.33
CA CYS A 126 17.07 1.84 2.51
C CYS A 126 17.58 1.96 3.96
N GLU A 127 18.04 0.84 4.52
CA GLU A 127 18.53 0.71 5.89
C GLU A 127 19.91 0.05 6.12
N CYS A 128 20.63 0.38 7.22
CA CYS A 128 21.85 -0.33 7.62
C CYS A 128 21.85 -0.63 9.18
N VAL A 129 22.57 -1.78 9.62
CA VAL A 129 22.65 -2.27 11.04
C VAL A 129 24.06 -2.62 11.48
CA CA B . -3.84 -2.89 4.08
N SER A 30 30.38 4.59 11.94
CA SER A 30 29.09 5.35 11.68
C SER A 30 28.54 5.32 10.18
N PRO A 31 29.42 5.59 9.13
CA PRO A 31 28.95 5.63 7.73
C PRO A 31 28.77 4.26 7.03
N CYS A 32 27.61 3.65 7.25
CA CYS A 32 27.22 2.40 6.60
C CYS A 32 26.85 2.61 5.12
N VAL A 33 26.70 1.49 4.41
CA VAL A 33 26.40 1.48 2.98
C VAL A 33 25.18 0.57 2.67
N PRO A 34 23.96 1.15 2.68
CA PRO A 34 22.70 0.42 2.48
C PRO A 34 22.55 -0.39 1.19
N LEU A 35 21.65 -1.37 1.24
CA LEU A 35 21.27 -2.22 0.12
C LEU A 35 19.77 -2.11 -0.13
N CYS A 36 19.40 -1.66 -1.32
CA CYS A 36 18.00 -1.44 -1.66
C CYS A 36 17.29 -2.75 -2.02
N ASN A 37 16.56 -3.25 -1.04
CA ASN A 37 15.85 -4.53 -1.14
C ASN A 37 14.37 -4.43 -0.79
N TRP A 38 13.56 -5.32 -1.37
CA TRP A 38 12.13 -5.31 -1.09
C TRP A 38 11.85 -5.91 0.28
N THR A 39 11.15 -5.18 1.14
CA THR A 39 10.82 -5.59 2.50
C THR A 39 9.94 -6.84 2.61
N GLY A 40 9.30 -7.17 1.51
CA GLY A 40 8.32 -8.24 1.51
C GLY A 40 6.97 -7.56 1.69
N TRP A 41 5.95 -8.25 1.23
CA TRP A 41 4.56 -7.79 1.34
C TRP A 41 4.17 -7.75 2.80
N LEU A 42 4.00 -6.56 3.35
CA LEU A 42 3.60 -6.40 4.73
C LEU A 42 2.71 -5.24 5.05
N ASP A 43 1.68 -5.55 5.84
CA ASP A 43 0.73 -4.57 6.35
C ASP A 43 -0.27 -5.34 7.21
N SER A 44 -0.64 -4.83 8.36
CA SER A 44 -1.70 -5.47 9.11
C SER A 44 -2.97 -4.67 8.84
N GLY A 45 -3.88 -5.26 8.10
CA GLY A 45 -5.16 -4.62 7.83
C GLY A 45 -5.12 -3.19 7.32
N LYS A 46 -5.84 -2.34 8.05
CA LYS A 46 -6.00 -0.93 7.73
C LYS A 46 -6.76 -0.33 8.92
N PRO A 47 -6.76 1.00 9.10
CA PRO A 47 -7.51 1.62 10.21
C PRO A 47 -9.05 1.63 10.04
N ASN A 48 -9.60 0.45 9.72
CA ASN A 48 -11.02 0.25 9.47
C ASN A 48 -11.91 0.69 10.66
N PHE A 49 -11.36 0.73 11.86
CA PHE A 49 -12.10 1.17 13.03
C PHE A 49 -12.56 2.63 12.90
N HIS A 50 -11.84 3.42 12.11
CA HIS A 50 -12.22 4.82 11.90
C HIS A 50 -13.26 4.96 10.79
N LYS A 51 -13.13 4.15 9.73
CA LYS A 51 -14.06 4.20 8.57
C LYS A 51 -13.99 2.89 7.79
N PRO A 52 -15.09 2.49 7.11
CA PRO A 52 -14.98 1.30 6.26
C PRO A 52 -14.09 1.60 5.04
N GLY A 53 -13.51 0.56 4.46
CA GLY A 53 -12.55 0.79 3.38
C GLY A 53 -11.35 1.40 4.07
N GLY A 54 -10.64 2.31 3.44
CA GLY A 54 -9.59 3.03 4.17
C GLY A 54 -8.25 2.36 4.19
N ASP A 55 -7.81 1.76 3.08
CA ASP A 55 -6.49 1.07 3.14
C ASP A 55 -5.51 2.18 2.83
N THR A 56 -4.89 2.72 3.87
CA THR A 56 -4.04 3.88 3.69
C THR A 56 -2.70 3.60 4.33
N GLU A 57 -1.73 3.25 3.50
CA GLU A 57 -0.43 2.79 3.99
C GLU A 57 0.66 3.73 3.44
N LEU A 58 1.02 4.70 4.24
CA LEU A 58 1.90 5.77 3.84
C LEU A 58 3.36 5.51 4.19
N ILE A 59 4.22 5.55 3.17
CA ILE A 59 5.64 5.27 3.29
C ILE A 59 6.55 6.42 3.66
N GLY A 60 6.06 7.63 3.46
CA GLY A 60 6.86 8.82 3.73
C GLY A 60 7.51 8.88 5.09
N ASP A 61 6.79 8.45 6.13
CA ASP A 61 7.31 8.41 7.49
C ASP A 61 7.78 7.00 7.89
N VAL A 62 7.80 6.05 6.96
CA VAL A 62 7.97 4.63 7.30
C VAL A 62 9.37 3.96 7.14
N CYS A 63 9.90 3.75 5.95
CA CYS A 63 11.14 2.97 5.81
C CYS A 63 12.48 3.71 5.67
N GLY A 64 12.57 4.65 4.76
CA GLY A 64 13.81 5.37 4.53
C GLY A 64 13.70 6.62 3.69
N PRO A 65 13.06 7.68 4.21
CA PRO A 65 12.97 8.87 3.37
C PRO A 65 14.31 9.58 3.16
N GLY A 66 14.43 10.28 2.05
CA GLY A 66 15.67 10.92 1.67
C GLY A 66 16.18 10.39 0.35
N TRP A 67 15.68 9.25 -0.07
CA TRP A 67 15.94 8.70 -1.40
C TRP A 67 14.65 8.16 -1.91
N ALA A 68 14.71 7.63 -3.11
CA ALA A 68 13.52 7.14 -3.77
C ALA A 68 13.48 5.62 -3.67
N ALA A 69 12.58 5.12 -2.84
CA ALA A 69 12.41 3.70 -2.61
C ALA A 69 11.19 3.34 -3.44
N ASN A 70 11.12 2.10 -3.90
CA ASN A 70 10.03 1.70 -4.82
C ASN A 70 8.90 0.96 -4.14
N ILE A 71 7.69 1.40 -4.35
CA ILE A 71 6.51 0.82 -3.79
C ILE A 71 5.80 -0.05 -4.81
N SER A 72 5.18 -1.09 -4.30
CA SER A 72 4.30 -1.91 -5.10
C SER A 72 3.06 -2.09 -4.24
N CYS A 73 1.90 -1.75 -4.77
CA CYS A 73 0.62 -1.91 -4.09
C CYS A 73 -0.20 -3.05 -4.69
N ARG A 74 -0.62 -4.00 -3.86
CA ARG A 74 -1.40 -5.16 -4.35
C ARG A 74 -2.43 -5.58 -3.34
N ALA A 75 -3.55 -6.07 -3.84
CA ALA A 75 -4.61 -6.57 -2.99
C ALA A 75 -4.24 -7.96 -2.52
N THR A 76 -4.67 -8.32 -1.33
CA THR A 76 -4.45 -9.68 -0.80
C THR A 76 -5.05 -10.75 -1.72
N MET A 77 -6.10 -10.36 -2.43
CA MET A 77 -6.80 -11.26 -3.37
C MET A 77 -6.29 -11.09 -4.82
N TYR A 78 -5.49 -10.05 -5.04
CA TYR A 78 -4.94 -9.74 -6.38
C TYR A 78 -3.44 -9.47 -6.25
N PRO A 79 -2.61 -10.48 -5.89
CA PRO A 79 -1.19 -10.22 -5.67
C PRO A 79 -0.45 -9.89 -6.96
N ASP A 80 -1.00 -10.36 -8.09
CA ASP A 80 -0.36 -10.09 -9.39
C ASP A 80 -0.78 -8.73 -9.96
N VAL A 81 -1.97 -8.28 -9.61
CA VAL A 81 -2.55 -7.12 -10.27
C VAL A 81 -2.60 -5.84 -9.40
N PRO A 82 -2.08 -4.71 -9.89
CA PRO A 82 -2.23 -3.50 -9.06
C PRO A 82 -3.68 -3.11 -8.86
N ILE A 83 -4.03 -2.61 -7.69
CA ILE A 83 -5.39 -2.36 -7.37
C ILE A 83 -6.06 -1.37 -8.39
N GLY A 84 -5.38 -0.33 -8.92
CA GLY A 84 -5.99 0.50 -10.03
C GLY A 84 -6.41 -0.35 -11.21
N GLN A 85 -5.70 -1.41 -11.51
CA GLN A 85 -6.03 -2.23 -12.64
C GLN A 85 -7.25 -3.12 -12.47
N LEU A 86 -7.66 -3.38 -11.24
CA LEU A 86 -8.85 -4.27 -11.04
C LEU A 86 -10.10 -3.38 -11.04
N GLY A 87 -9.88 -2.09 -11.21
CA GLY A 87 -10.94 -1.13 -11.27
C GLY A 87 -11.32 -0.57 -9.91
N GLN A 88 -10.38 -0.65 -9.00
CA GLN A 88 -10.55 -0.14 -7.65
C GLN A 88 -10.09 1.30 -7.68
N THR A 89 -10.80 2.19 -7.02
CA THR A 89 -10.43 3.60 -7.01
C THR A 89 -9.66 3.94 -5.81
N VAL A 90 -8.39 4.05 -6.13
CA VAL A 90 -7.34 4.17 -5.19
C VAL A 90 -6.29 5.11 -5.75
N VAL A 91 -5.50 5.61 -4.84
CA VAL A 91 -4.33 6.42 -5.17
C VAL A 91 -3.17 5.78 -4.41
N CYS A 92 -2.36 5.00 -5.10
CA CYS A 92 -1.13 4.44 -4.53
C CYS A 92 -0.07 5.34 -5.19
N ASP A 93 0.40 6.32 -4.43
CA ASP A 93 1.35 7.32 -4.95
C ASP A 93 2.79 6.99 -4.53
N VAL A 94 3.67 6.79 -5.48
CA VAL A 94 5.08 6.51 -5.20
C VAL A 94 5.81 7.53 -4.33
N SER A 95 5.26 8.73 -4.18
CA SER A 95 5.89 9.76 -3.36
C SER A 95 5.28 9.87 -1.97
N VAL A 96 4.13 9.25 -1.74
CA VAL A 96 3.45 9.36 -0.44
C VAL A 96 3.00 8.02 0.18
N GLY A 97 2.60 7.06 -0.63
CA GLY A 97 2.12 5.79 -0.15
C GLY A 97 0.73 5.52 -0.66
N LEU A 98 0.15 4.44 -0.17
CA LEU A 98 -1.17 4.00 -0.61
C LEU A 98 -2.33 4.69 0.13
N ILE A 99 -3.36 5.07 -0.63
CA ILE A 99 -4.60 5.66 -0.15
C ILE A 99 -5.84 5.05 -0.89
N CYS A 100 -6.47 4.00 -0.34
CA CYS A 100 -7.76 3.52 -0.83
C CYS A 100 -8.88 3.89 0.09
N LYS A 101 -9.77 4.72 -0.43
CA LYS A 101 -10.89 5.24 0.32
C LYS A 101 -12.17 5.04 -0.45
N ASN A 102 -12.95 4.02 -0.07
CA ASN A 102 -14.28 3.82 -0.67
C ASN A 102 -15.12 5.01 -0.18
N GLU A 103 -15.46 5.93 -1.07
CA GLU A 103 -16.19 7.15 -0.68
C GLU A 103 -17.64 6.88 -0.28
N ASP A 104 -18.33 6.09 -1.09
CA ASP A 104 -19.69 5.68 -0.78
C ASP A 104 -19.58 4.43 0.09
N GLN A 105 -20.48 4.25 1.04
CA GLN A 105 -20.42 3.10 1.93
C GLN A 105 -21.55 2.12 1.61
N LYS A 106 -21.18 0.97 1.06
CA LYS A 106 -22.11 -0.10 0.72
C LYS A 106 -21.36 -1.41 0.87
N PRO A 107 -22.05 -2.52 1.15
CA PRO A 107 -21.26 -3.76 1.09
C PRO A 107 -20.90 -4.09 -0.36
N GLY A 108 -21.70 -3.61 -1.29
CA GLY A 108 -21.39 -3.77 -2.70
C GLY A 108 -20.58 -2.56 -3.13
N GLY A 109 -19.26 -2.67 -3.04
CA GLY A 109 -18.39 -1.58 -3.43
C GLY A 109 -18.14 -1.67 -4.93
N VAL A 110 -17.11 -0.97 -5.40
CA VAL A 110 -16.76 -1.03 -6.83
C VAL A 110 -16.21 -2.45 -7.11
N ILE A 111 -15.78 -3.12 -6.06
CA ILE A 111 -15.33 -4.50 -6.14
C ILE A 111 -16.54 -5.31 -5.62
N PRO A 112 -16.96 -6.37 -6.36
CA PRO A 112 -18.16 -7.12 -5.96
C PRO A 112 -17.95 -8.13 -4.82
N MET A 113 -17.60 -7.62 -3.64
CA MET A 113 -17.38 -8.47 -2.46
C MET A 113 -17.72 -7.70 -1.19
N ALA A 114 -16.96 -6.63 -0.95
CA ALA A 114 -17.09 -5.77 0.20
C ALA A 114 -16.64 -4.41 -0.28
N PHE A 115 -16.66 -3.44 0.61
CA PHE A 115 -15.95 -2.17 0.41
C PHE A 115 -14.43 -2.48 0.20
N CYS A 116 -13.59 -1.46 -0.01
CA CYS A 116 -12.15 -1.64 -0.14
C CYS A 116 -11.61 -2.67 0.86
N LEU A 117 -11.03 -3.70 0.32
CA LEU A 117 -10.54 -4.87 1.11
C LEU A 117 -9.08 -4.61 1.47
N ASN A 118 -8.42 -5.48 2.21
CA ASN A 118 -7.05 -5.20 2.57
C ASN A 118 -6.10 -5.31 1.37
N TYR A 119 -5.29 -4.28 1.20
CA TYR A 119 -4.23 -4.29 0.26
C TYR A 119 -3.00 -4.14 1.11
N GLU A 120 -1.88 -4.50 0.56
CA GLU A 120 -0.59 -4.48 1.20
C GLU A 120 0.30 -3.73 0.25
N ILE A 121 1.38 -3.24 0.79
CA ILE A 121 2.35 -2.58 0.03
C ILE A 121 3.63 -3.30 0.24
N ASN A 122 4.54 -3.12 -0.70
CA ASN A 122 5.88 -3.72 -0.65
C ASN A 122 6.70 -2.53 -0.94
N VAL A 123 7.74 -2.28 -0.19
CA VAL A 123 8.60 -1.15 -0.46
C VAL A 123 9.99 -1.68 -0.65
N GLN A 124 10.77 -1.00 -1.48
CA GLN A 124 12.16 -1.38 -1.74
C GLN A 124 13.06 -0.25 -1.27
N CYS A 125 13.32 -0.24 0.01
CA CYS A 125 14.15 0.76 0.66
C CYS A 125 15.55 0.13 0.91
N CYS A 126 16.49 1.01 1.24
CA CYS A 126 17.92 0.66 1.36
C CYS A 126 18.36 0.47 2.85
N GLU A 127 18.84 -0.72 3.23
CA GLU A 127 19.33 -1.02 4.58
C GLU A 127 20.60 -1.93 4.64
N CYS A 128 21.34 -1.88 5.75
CA CYS A 128 22.55 -2.69 5.98
C CYS A 128 22.28 -3.94 6.89
N VAL A 129 23.05 -5.11 6.65
CA VAL A 129 23.00 -6.35 7.51
C VAL A 129 24.36 -6.83 7.94
CA CA B . -3.59 -2.76 4.09
N SER A 30 32.86 7.27 10.60
CA SER A 30 32.44 5.81 10.42
C SER A 30 30.93 5.60 9.97
N PRO A 31 30.59 6.03 8.68
CA PRO A 31 29.24 5.93 8.12
C PRO A 31 28.86 4.63 7.38
N CYS A 32 27.56 4.41 7.26
CA CYS A 32 26.97 3.33 6.47
C CYS A 32 26.82 3.80 5.00
N VAL A 33 26.29 2.93 4.15
CA VAL A 33 26.02 3.26 2.74
C VAL A 33 24.64 2.68 2.39
N PRO A 34 23.81 3.40 1.60
CA PRO A 34 22.47 2.86 1.36
C PRO A 34 22.38 1.55 0.59
N LEU A 35 21.46 0.70 1.03
CA LEU A 35 21.13 -0.56 0.39
C LEU A 35 19.62 -0.63 0.39
N CYS A 36 19.00 -0.33 -0.73
CA CYS A 36 17.57 -0.27 -0.82
C CYS A 36 16.98 -1.68 -0.97
N ASN A 37 16.34 -2.14 0.10
CA ASN A 37 15.79 -3.51 0.17
C ASN A 37 14.27 -3.54 0.27
N TRP A 38 13.63 -4.50 -0.40
CA TRP A 38 12.17 -4.59 -0.32
C TRP A 38 11.70 -5.19 1.00
N THR A 39 10.76 -4.52 1.61
CA THR A 39 10.18 -4.91 2.89
C THR A 39 9.51 -6.27 2.86
N GLY A 40 9.16 -6.71 1.64
CA GLY A 40 8.31 -7.82 1.48
C GLY A 40 6.91 -7.20 1.60
N TRP A 41 5.99 -7.94 1.12
CA TRP A 41 4.60 -7.56 1.03
C TRP A 41 4.20 -7.45 2.52
N LEU A 42 3.72 -6.30 2.94
CA LEU A 42 3.25 -6.13 4.34
C LEU A 42 1.92 -5.41 4.33
N ASP A 43 1.18 -5.53 5.41
CA ASP A 43 -0.21 -5.04 5.48
C ASP A 43 -0.49 -4.25 6.75
N SER A 44 -0.20 -2.97 6.70
CA SER A 44 -0.41 -2.11 7.85
C SER A 44 -1.84 -1.61 7.83
N GLY A 45 -2.67 -2.07 8.74
CA GLY A 45 -4.04 -1.60 8.75
C GLY A 45 -4.92 -2.29 7.73
N LYS A 46 -6.22 -2.18 7.96
CA LYS A 46 -7.23 -2.89 7.17
C LYS A 46 -8.57 -2.19 7.28
N PRO A 47 -9.47 -2.36 6.29
CA PRO A 47 -10.80 -1.76 6.45
C PRO A 47 -11.55 -2.36 7.64
N ASN A 48 -11.34 -3.65 7.89
CA ASN A 48 -12.01 -4.36 8.99
C ASN A 48 -11.52 -3.89 10.37
N PHE A 49 -10.75 -2.82 10.44
CA PHE A 49 -10.32 -2.27 11.71
C PHE A 49 -11.47 -1.46 12.26
N HIS A 50 -12.21 -0.73 11.35
CA HIS A 50 -13.32 0.10 11.82
C HIS A 50 -14.28 0.68 10.75
N LYS A 51 -13.95 0.69 9.46
CA LYS A 51 -14.80 1.39 8.45
C LYS A 51 -14.80 0.66 7.10
N PRO A 52 -15.87 0.81 6.29
CA PRO A 52 -15.92 0.16 4.97
C PRO A 52 -14.99 0.81 3.94
N GLY A 53 -13.79 0.28 3.81
CA GLY A 53 -12.77 0.88 2.92
C GLY A 53 -12.10 2.00 3.71
N GLY A 54 -11.14 2.72 3.11
CA GLY A 54 -10.51 3.76 3.84
C GLY A 54 -9.16 3.32 4.43
N ASP A 55 -8.41 2.55 3.76
CA ASP A 55 -7.18 1.92 4.31
C ASP A 55 -6.07 2.81 3.76
N THR A 56 -4.97 2.91 4.48
CA THR A 56 -3.88 3.77 4.05
C THR A 56 -2.58 3.15 4.47
N GLU A 57 -1.70 2.83 3.53
CA GLU A 57 -0.40 2.28 3.92
C GLU A 57 0.58 3.24 3.37
N LEU A 58 0.94 4.27 4.15
CA LEU A 58 1.77 5.43 3.84
C LEU A 58 3.22 5.26 4.35
N ILE A 59 4.07 5.03 3.36
CA ILE A 59 5.48 4.86 3.50
C ILE A 59 6.17 6.19 3.74
N GLY A 60 5.57 7.22 3.19
CA GLY A 60 6.12 8.54 3.17
C GLY A 60 6.53 9.15 4.50
N ASP A 61 5.84 8.80 5.56
CA ASP A 61 6.19 9.30 6.90
C ASP A 61 7.01 8.25 7.69
N VAL A 62 7.17 7.08 7.09
CA VAL A 62 7.79 5.93 7.74
C VAL A 62 9.27 5.62 7.42
N CYS A 63 9.61 5.44 6.14
CA CYS A 63 10.95 4.99 5.75
C CYS A 63 11.91 6.12 5.33
N GLY A 64 11.51 7.37 5.52
CA GLY A 64 12.35 8.48 5.10
C GLY A 64 11.55 9.49 4.32
N PRO A 65 11.04 10.54 4.97
CA PRO A 65 10.24 11.49 4.20
C PRO A 65 11.01 12.28 3.14
N GLY A 66 10.71 11.95 1.89
CA GLY A 66 11.29 12.62 0.73
C GLY A 66 12.06 11.65 -0.13
N TRP A 67 11.94 10.37 0.17
CA TRP A 67 12.59 9.32 -0.61
C TRP A 67 12.03 9.13 -2.01
N ALA A 68 12.80 8.42 -2.81
CA ALA A 68 12.41 8.03 -4.15
C ALA A 68 12.88 6.59 -4.35
N ALA A 69 11.94 5.68 -4.22
CA ALA A 69 12.22 4.26 -4.28
C ALA A 69 10.95 3.59 -4.82
N ASN A 70 10.97 2.26 -4.94
CA ASN A 70 9.87 1.56 -5.59
C ASN A 70 8.85 0.91 -4.63
N ILE A 71 7.58 0.95 -5.05
CA ILE A 71 6.40 0.53 -4.30
C ILE A 71 5.66 -0.42 -5.23
N SER A 72 5.04 -1.43 -4.62
CA SER A 72 4.15 -2.26 -5.34
C SER A 72 2.90 -2.30 -4.47
N CYS A 73 1.76 -1.85 -5.00
CA CYS A 73 0.49 -1.97 -4.28
C CYS A 73 -0.40 -3.03 -4.86
N ARG A 74 -0.76 -4.02 -4.05
CA ARG A 74 -1.64 -5.11 -4.51
C ARG A 74 -2.49 -5.71 -3.41
N ALA A 75 -3.50 -6.49 -3.78
CA ALA A 75 -4.38 -7.13 -2.83
C ALA A 75 -3.95 -8.59 -2.66
N THR A 76 -4.17 -9.12 -1.48
CA THR A 76 -3.78 -10.50 -1.14
C THR A 76 -4.22 -11.56 -2.15
N MET A 77 -5.43 -11.43 -2.67
CA MET A 77 -5.99 -12.39 -3.61
C MET A 77 -5.71 -11.99 -5.04
N TYR A 78 -5.06 -10.86 -5.22
CA TYR A 78 -4.74 -10.33 -6.56
C TYR A 78 -3.27 -9.88 -6.58
N PRO A 79 -2.32 -10.82 -6.40
CA PRO A 79 -0.92 -10.38 -6.28
C PRO A 79 -0.36 -9.92 -7.62
N ASP A 80 -1.04 -10.27 -8.71
CA ASP A 80 -0.61 -9.85 -10.05
C ASP A 80 -1.29 -8.55 -10.48
N VAL A 81 -2.49 -8.32 -9.98
CA VAL A 81 -3.29 -7.18 -10.46
C VAL A 81 -3.20 -5.94 -9.55
N PRO A 82 -2.68 -4.79 -10.07
CA PRO A 82 -2.61 -3.61 -9.20
C PRO A 82 -4.04 -3.23 -8.77
N ILE A 83 -4.16 -2.72 -7.55
CA ILE A 83 -5.41 -2.39 -6.91
C ILE A 83 -6.33 -1.56 -7.88
N GLY A 84 -5.77 -0.57 -8.54
CA GLY A 84 -6.53 0.25 -9.52
C GLY A 84 -7.14 -0.64 -10.65
N GLN A 85 -6.42 -1.63 -11.09
CA GLN A 85 -6.93 -2.45 -12.16
C GLN A 85 -8.09 -3.39 -11.83
N LEU A 86 -8.21 -3.89 -10.60
CA LEU A 86 -9.39 -4.70 -10.31
C LEU A 86 -10.65 -3.85 -10.28
N GLY A 87 -10.46 -2.55 -10.29
CA GLY A 87 -11.58 -1.61 -10.35
C GLY A 87 -11.81 -0.83 -9.07
N GLN A 88 -10.72 -0.60 -8.36
CA GLN A 88 -10.75 0.20 -7.13
C GLN A 88 -10.25 1.61 -7.49
N THR A 89 -10.62 2.60 -6.70
CA THR A 89 -10.16 4.00 -6.91
C THR A 89 -9.31 4.40 -5.73
N VAL A 90 -8.00 4.36 -5.90
CA VAL A 90 -7.00 4.61 -4.83
C VAL A 90 -5.90 5.46 -5.49
N VAL A 91 -5.21 6.03 -4.60
CA VAL A 91 -4.00 6.78 -4.93
C VAL A 91 -2.87 5.96 -4.29
N CYS A 92 -2.17 5.20 -5.11
CA CYS A 92 -0.99 4.41 -4.63
C CYS A 92 0.10 5.18 -5.36
N ASP A 93 0.72 6.02 -4.53
CA ASP A 93 1.76 6.96 -4.99
C ASP A 93 3.19 6.49 -4.74
N VAL A 94 4.07 6.64 -5.70
CA VAL A 94 5.48 6.28 -5.54
C VAL A 94 6.19 7.22 -4.55
N SER A 95 5.57 8.36 -4.28
CA SER A 95 6.15 9.34 -3.37
C SER A 95 5.72 9.16 -1.90
N VAL A 96 4.51 8.67 -1.68
CA VAL A 96 4.01 8.52 -0.31
C VAL A 96 3.39 7.14 0.14
N GLY A 97 3.00 6.27 -0.77
CA GLY A 97 2.43 4.99 -0.32
C GLY A 97 1.03 4.94 -0.79
N LEU A 98 0.33 3.94 -0.29
CA LEU A 98 -1.02 3.72 -0.68
C LEU A 98 -2.05 4.50 0.17
N ILE A 99 -3.00 5.05 -0.51
CA ILE A 99 -4.12 5.84 0.06
C ILE A 99 -5.40 5.33 -0.65
N CYS A 100 -6.09 4.33 -0.10
CA CYS A 100 -7.37 3.88 -0.67
C CYS A 100 -8.47 4.38 0.32
N LYS A 101 -9.12 5.52 -0.06
CA LYS A 101 -10.05 6.19 0.75
C LYS A 101 -11.29 6.71 0.09
N ASN A 102 -12.40 5.97 0.25
CA ASN A 102 -13.71 6.44 -0.26
C ASN A 102 -14.20 7.56 0.65
N GLU A 103 -14.37 8.75 0.10
CA GLU A 103 -14.83 9.90 0.89
C GLU A 103 -16.28 9.78 1.30
N ASP A 104 -17.09 9.31 0.36
CA ASP A 104 -18.52 9.14 0.57
C ASP A 104 -18.78 7.65 0.85
N GLN A 105 -19.90 7.36 1.48
CA GLN A 105 -20.19 5.98 1.86
C GLN A 105 -20.79 5.21 0.70
N LYS A 106 -20.01 4.26 0.18
CA LYS A 106 -20.48 3.37 -0.89
C LYS A 106 -19.74 2.03 -0.84
N PRO A 107 -20.32 1.03 -0.17
CA PRO A 107 -19.60 -0.25 -0.21
C PRO A 107 -19.68 -0.89 -1.60
N GLY A 108 -18.53 -1.28 -2.13
CA GLY A 108 -18.47 -1.87 -3.46
C GLY A 108 -17.80 -0.93 -4.44
N GLY A 109 -17.01 -1.48 -5.34
CA GLY A 109 -16.31 -0.69 -6.33
C GLY A 109 -16.81 -1.13 -7.70
N VAL A 110 -15.97 -1.01 -8.72
CA VAL A 110 -16.34 -1.48 -10.06
C VAL A 110 -16.34 -3.02 -10.04
N ILE A 111 -15.79 -3.58 -8.96
CA ILE A 111 -15.77 -5.02 -8.77
C ILE A 111 -16.93 -5.37 -7.79
N PRO A 112 -17.76 -6.36 -8.15
CA PRO A 112 -18.91 -6.71 -7.28
C PRO A 112 -18.54 -7.59 -6.08
N MET A 113 -17.86 -7.00 -5.10
CA MET A 113 -17.50 -7.71 -3.88
C MET A 113 -17.86 -6.85 -2.66
N ALA A 114 -16.95 -5.99 -2.25
CA ALA A 114 -17.11 -5.12 -1.11
C ALA A 114 -16.34 -3.86 -1.40
N PHE A 115 -16.37 -2.96 -0.44
CA PHE A 115 -15.50 -1.77 -0.38
C PHE A 115 -14.02 -2.25 -0.48
N CYS A 116 -13.09 -1.30 -0.55
CA CYS A 116 -11.65 -1.55 -0.59
C CYS A 116 -11.29 -2.77 0.32
N LEU A 117 -10.87 -3.80 -0.28
CA LEU A 117 -10.55 -5.07 0.45
C LEU A 117 -9.15 -4.91 0.96
N ASN A 118 -8.81 -5.58 2.05
CA ASN A 118 -7.50 -5.37 2.62
C ASN A 118 -6.39 -5.77 1.64
N TYR A 119 -5.48 -4.85 1.48
CA TYR A 119 -4.41 -4.93 0.55
C TYR A 119 -3.10 -4.73 1.30
N GLU A 120 -2.06 -4.87 0.51
CA GLU A 120 -0.68 -4.95 0.92
C GLU A 120 0.16 -4.00 0.08
N ILE A 121 1.25 -3.46 0.61
CA ILE A 121 2.21 -2.80 -0.23
C ILE A 121 3.56 -3.40 0.03
N ASN A 122 4.40 -3.26 -0.98
CA ASN A 122 5.73 -3.81 -1.01
C ASN A 122 6.58 -2.67 -1.34
N VAL A 123 7.50 -2.28 -0.50
CA VAL A 123 8.33 -1.12 -0.77
C VAL A 123 9.72 -1.39 -0.54
N GLN A 124 10.51 -0.69 -1.29
CA GLN A 124 11.93 -0.81 -1.27
C GLN A 124 12.38 0.40 -0.46
N CYS A 125 12.76 0.15 0.80
CA CYS A 125 13.22 1.21 1.68
C CYS A 125 14.76 1.08 1.88
N CYS A 126 15.44 2.21 2.04
CA CYS A 126 16.91 2.28 2.08
C CYS A 126 17.49 2.51 3.49
N GLU A 127 18.82 2.39 3.60
CA GLU A 127 19.57 2.64 4.85
C GLU A 127 20.54 3.86 4.74
N CYS A 128 21.29 4.18 5.81
CA CYS A 128 22.04 5.45 5.97
C CYS A 128 22.86 6.06 4.79
N VAL A 129 22.76 7.46 4.68
CA VAL A 129 23.43 8.34 3.67
C VAL A 129 24.72 8.94 4.14
CA CA B . -3.74 -3.25 4.48
N SER A 30 26.69 5.76 15.98
CA SER A 30 26.82 7.07 15.22
C SER A 30 26.49 7.03 13.66
N PRO A 31 27.07 6.03 12.87
CA PRO A 31 26.85 5.99 11.41
C PRO A 31 25.56 5.33 10.93
N CYS A 32 25.14 5.75 9.74
CA CYS A 32 23.99 5.17 9.06
C CYS A 32 24.43 3.96 8.25
N VAL A 33 23.76 2.82 8.43
CA VAL A 33 23.94 1.67 7.54
C VAL A 33 22.66 0.81 7.39
N PRO A 34 21.79 1.13 6.43
CA PRO A 34 20.71 0.31 5.87
C PRO A 34 21.22 -0.58 4.74
N LEU A 35 20.32 -1.36 4.17
CA LEU A 35 20.66 -2.17 2.98
C LEU A 35 19.49 -1.99 2.04
N CYS A 36 19.68 -2.05 0.72
CA CYS A 36 18.52 -1.88 -0.17
C CYS A 36 17.76 -3.18 -0.27
N ASN A 37 16.63 -3.22 0.43
CA ASN A 37 15.82 -4.42 0.49
C ASN A 37 14.34 -4.15 0.46
N TRP A 38 13.63 -4.95 -0.32
CA TRP A 38 12.16 -4.86 -0.31
C TRP A 38 11.69 -5.51 0.98
N THR A 39 10.84 -4.84 1.74
CA THR A 39 10.36 -5.31 3.04
C THR A 39 9.65 -6.65 2.93
N GLY A 40 9.18 -6.96 1.73
CA GLY A 40 8.39 -8.14 1.52
C GLY A 40 6.98 -7.63 1.57
N TRP A 41 6.11 -8.31 0.84
CA TRP A 41 4.67 -7.96 0.76
C TRP A 41 4.08 -8.04 2.15
N LEU A 42 3.69 -6.90 2.72
CA LEU A 42 3.08 -6.90 4.06
C LEU A 42 1.95 -5.89 4.07
N ASP A 43 1.07 -6.01 5.04
CA ASP A 43 -0.15 -5.20 5.10
C ASP A 43 -0.23 -4.44 6.41
N SER A 44 0.49 -3.33 6.47
CA SER A 44 0.45 -2.51 7.67
C SER A 44 -0.58 -1.42 7.43
N GLY A 45 -1.70 -1.50 8.14
CA GLY A 45 -2.75 -0.49 8.03
C GLY A 45 -4.01 -0.89 7.27
N LYS A 46 -5.05 -0.08 7.54
CA LYS A 46 -6.44 -0.11 6.98
C LYS A 46 -7.52 0.50 7.90
N PRO A 47 -7.51 0.20 9.22
CA PRO A 47 -8.60 0.87 9.98
C PRO A 47 -8.33 2.36 10.25
N ASN A 48 -8.69 3.21 9.29
CA ASN A 48 -8.48 4.66 9.40
C ASN A 48 -9.11 5.23 10.66
N PHE A 49 -10.35 4.84 10.94
CA PHE A 49 -11.01 5.29 12.18
C PHE A 49 -11.64 4.14 12.97
N HIS A 50 -12.25 3.20 12.26
CA HIS A 50 -12.93 2.03 12.86
C HIS A 50 -13.57 1.19 11.75
N LYS A 51 -14.22 1.87 10.82
CA LYS A 51 -14.87 1.19 9.69
C LYS A 51 -13.82 0.60 8.77
N PRO A 52 -14.16 -0.47 8.02
CA PRO A 52 -13.21 -0.91 7.00
C PRO A 52 -13.19 0.11 5.85
N GLY A 53 -12.07 0.14 5.13
CA GLY A 53 -11.86 1.11 4.08
C GLY A 53 -10.95 2.14 4.72
N GLY A 54 -10.09 2.79 3.95
CA GLY A 54 -9.14 3.72 4.56
C GLY A 54 -7.77 3.07 4.57
N ASP A 55 -7.38 2.36 3.52
CA ASP A 55 -6.13 1.58 3.61
C ASP A 55 -5.10 2.54 3.10
N THR A 56 -4.42 3.14 4.05
CA THR A 56 -3.50 4.20 3.75
C THR A 56 -2.17 3.72 4.26
N GLU A 57 -1.35 3.24 3.35
CA GLU A 57 -0.07 2.65 3.72
C GLU A 57 1.03 3.54 3.14
N LEU A 58 1.51 4.49 3.95
CA LEU A 58 2.45 5.49 3.51
C LEU A 58 3.90 5.16 3.83
N ILE A 59 4.78 5.33 2.85
CA ILE A 59 6.22 5.08 3.06
C ILE A 59 6.80 6.25 3.83
N GLY A 60 6.18 7.41 3.67
CA GLY A 60 6.68 8.62 4.32
C GLY A 60 6.78 8.54 5.84
N ASP A 61 5.94 7.74 6.46
CA ASP A 61 5.95 7.61 7.93
C ASP A 61 6.90 6.52 8.41
N VAL A 62 7.27 5.57 7.55
CA VAL A 62 8.14 4.47 7.90
C VAL A 62 9.60 4.73 7.45
N CYS A 63 9.78 4.84 6.13
CA CYS A 63 11.08 4.86 5.51
C CYS A 63 11.34 6.17 4.74
N GLY A 64 10.69 7.23 5.18
CA GLY A 64 10.87 8.54 4.59
C GLY A 64 12.22 9.22 4.87
N PRO A 65 12.82 9.11 6.07
CA PRO A 65 14.08 9.86 6.20
C PRO A 65 15.37 9.26 5.66
N GLY A 66 15.98 9.93 4.68
CA GLY A 66 17.30 9.57 4.20
C GLY A 66 17.34 9.13 2.76
N TRP A 67 16.25 8.55 2.26
CA TRP A 67 16.21 8.11 0.85
C TRP A 67 14.79 8.12 0.37
N ALA A 68 14.69 7.75 -0.87
CA ALA A 68 13.43 7.66 -1.55
C ALA A 68 13.24 6.15 -1.73
N ALA A 69 12.26 5.59 -1.02
CA ALA A 69 12.06 4.18 -0.99
C ALA A 69 10.91 3.88 -1.97
N ASN A 70 11.06 2.80 -2.71
CA ASN A 70 10.07 2.50 -3.79
C ASN A 70 9.00 1.66 -3.27
N ILE A 71 7.76 1.82 -3.78
CA ILE A 71 6.64 1.14 -3.33
C ILE A 71 6.05 0.30 -4.45
N SER A 72 5.44 -0.79 -4.06
CA SER A 72 4.62 -1.57 -4.95
C SER A 72 3.36 -1.88 -4.14
N CYS A 73 2.21 -1.69 -4.73
CA CYS A 73 0.92 -1.97 -4.09
C CYS A 73 0.28 -3.26 -4.68
N ARG A 74 -0.44 -4.00 -3.83
CA ARG A 74 -1.14 -5.19 -4.25
C ARG A 74 -2.30 -5.67 -3.34
N ALA A 75 -3.36 -6.27 -3.91
CA ALA A 75 -4.38 -6.93 -3.13
C ALA A 75 -4.07 -8.43 -3.14
N THR A 76 -4.16 -9.10 -2.01
CA THR A 76 -3.85 -10.53 -1.93
C THR A 76 -4.68 -11.42 -2.86
N MET A 77 -5.95 -11.08 -3.02
CA MET A 77 -6.87 -11.85 -3.87
C MET A 77 -6.67 -11.52 -5.35
N TYR A 78 -5.87 -10.49 -5.61
CA TYR A 78 -5.59 -10.03 -6.97
C TYR A 78 -4.07 -9.88 -7.06
N PRO A 79 -3.31 -10.99 -7.02
CA PRO A 79 -1.86 -10.87 -6.96
C PRO A 79 -1.26 -10.39 -8.27
N ASP A 80 -2.08 -10.39 -9.33
CA ASP A 80 -1.65 -10.01 -10.67
C ASP A 80 -2.28 -8.68 -11.14
N VAL A 81 -3.33 -8.22 -10.48
CA VAL A 81 -4.03 -7.05 -10.96
C VAL A 81 -3.84 -5.81 -10.06
N PRO A 82 -3.42 -4.65 -10.61
CA PRO A 82 -3.31 -3.45 -9.77
C PRO A 82 -4.67 -3.03 -9.22
N ILE A 83 -4.72 -2.51 -7.99
CA ILE A 83 -5.95 -2.30 -7.33
C ILE A 83 -6.91 -1.39 -8.16
N GLY A 84 -6.52 -0.22 -8.66
CA GLY A 84 -7.36 0.53 -9.64
C GLY A 84 -7.99 -0.32 -10.76
N GLN A 85 -7.32 -1.33 -11.26
CA GLN A 85 -7.93 -2.12 -12.30
C GLN A 85 -9.04 -3.07 -11.84
N LEU A 86 -9.13 -3.35 -10.56
CA LEU A 86 -10.22 -4.25 -10.09
C LEU A 86 -11.52 -3.41 -9.96
N GLY A 87 -11.44 -2.12 -10.29
CA GLY A 87 -12.58 -1.26 -10.22
C GLY A 87 -12.64 -0.56 -8.87
N GLN A 88 -11.47 -0.43 -8.28
CA GLN A 88 -11.28 0.17 -6.98
C GLN A 88 -11.12 1.67 -7.09
N THR A 89 -11.35 2.37 -5.99
CA THR A 89 -11.02 3.78 -5.94
C THR A 89 -10.10 3.96 -4.82
N VAL A 90 -8.88 4.03 -5.30
CA VAL A 90 -7.71 3.98 -4.52
C VAL A 90 -6.72 4.77 -5.34
N VAL A 91 -5.69 5.22 -4.68
CA VAL A 91 -4.57 5.94 -5.29
C VAL A 91 -3.32 5.39 -4.61
N CYS A 92 -2.53 4.61 -5.32
CA CYS A 92 -1.25 4.14 -4.79
C CYS A 92 -0.25 5.05 -5.54
N ASP A 93 0.20 6.08 -4.84
CA ASP A 93 1.13 7.06 -5.40
C ASP A 93 2.57 6.79 -4.96
N VAL A 94 3.47 6.44 -5.87
CA VAL A 94 4.88 6.27 -5.54
C VAL A 94 5.57 7.44 -4.83
N SER A 95 4.95 8.62 -4.84
CA SER A 95 5.50 9.78 -4.16
C SER A 95 5.19 9.81 -2.66
N VAL A 96 4.08 9.19 -2.27
CA VAL A 96 3.62 9.22 -0.87
C VAL A 96 3.28 7.85 -0.23
N GLY A 97 2.66 6.94 -0.99
CA GLY A 97 2.21 5.68 -0.45
C GLY A 97 0.85 5.33 -1.00
N LEU A 98 0.26 4.29 -0.46
CA LEU A 98 -1.05 3.83 -0.84
C LEU A 98 -2.13 4.59 -0.05
N ILE A 99 -3.21 4.98 -0.74
CA ILE A 99 -4.37 5.67 -0.18
C ILE A 99 -5.70 5.06 -0.75
N CYS A 100 -6.29 4.10 -0.04
CA CYS A 100 -7.61 3.53 -0.35
C CYS A 100 -8.59 4.24 0.53
N LYS A 101 -9.54 4.94 -0.08
CA LYS A 101 -10.64 5.55 0.63
C LYS A 101 -11.82 5.59 -0.28
N ASN A 102 -12.72 4.65 -0.09
CA ASN A 102 -13.96 4.65 -0.84
C ASN A 102 -14.85 5.66 -0.11
N GLU A 103 -15.10 6.80 -0.72
CA GLU A 103 -15.85 7.88 -0.08
C GLU A 103 -17.33 7.55 0.05
N ASP A 104 -17.86 6.92 -0.99
CA ASP A 104 -19.26 6.53 -1.02
C ASP A 104 -19.32 5.05 -0.66
N GLN A 105 -20.42 4.60 -0.12
CA GLN A 105 -20.52 3.20 0.25
C GLN A 105 -21.12 2.49 -0.96
N LYS A 106 -20.30 1.68 -1.61
CA LYS A 106 -20.68 1.00 -2.83
C LYS A 106 -19.74 -0.19 -3.04
N PRO A 107 -20.12 -1.18 -3.86
CA PRO A 107 -19.21 -2.30 -4.14
C PRO A 107 -18.09 -1.93 -5.12
N GLY A 108 -17.24 -2.89 -5.45
CA GLY A 108 -16.18 -2.68 -6.42
C GLY A 108 -16.77 -2.54 -7.82
N GLY A 109 -15.97 -2.04 -8.76
CA GLY A 109 -16.48 -1.76 -10.10
C GLY A 109 -16.62 -2.91 -11.09
N VAL A 110 -15.51 -3.53 -11.49
CA VAL A 110 -15.57 -4.58 -12.54
C VAL A 110 -15.58 -5.98 -11.96
N ILE A 111 -15.37 -6.07 -10.65
CA ILE A 111 -15.38 -7.35 -9.97
C ILE A 111 -16.54 -7.31 -8.96
N PRO A 112 -17.38 -8.35 -8.90
CA PRO A 112 -18.48 -8.33 -7.93
C PRO A 112 -18.02 -8.60 -6.48
N MET A 113 -17.42 -7.59 -5.87
CA MET A 113 -16.89 -7.69 -4.51
C MET A 113 -17.33 -6.44 -3.76
N ALA A 114 -17.21 -6.47 -2.44
CA ALA A 114 -17.54 -5.36 -1.57
C ALA A 114 -16.56 -4.18 -1.77
N PHE A 115 -16.78 -3.13 -1.00
CA PHE A 115 -15.90 -1.96 -0.94
C PHE A 115 -14.44 -2.36 -0.63
N CYS A 116 -13.54 -1.39 -0.78
CA CYS A 116 -12.11 -1.52 -0.51
C CYS A 116 -11.69 -2.67 0.46
N LEU A 117 -11.06 -3.68 -0.06
CA LEU A 117 -10.54 -4.81 0.74
C LEU A 117 -9.13 -4.44 1.19
N ASN A 118 -8.50 -5.27 2.01
CA ASN A 118 -7.19 -4.90 2.52
C ASN A 118 -6.12 -5.08 1.41
N TYR A 119 -5.15 -4.18 1.41
CA TYR A 119 -4.10 -4.18 0.45
C TYR A 119 -2.79 -4.03 1.15
N GLU A 120 -1.85 -4.55 0.47
CA GLU A 120 -0.46 -4.67 0.92
C GLU A 120 0.48 -3.75 0.16
N ILE A 121 1.57 -3.39 0.78
CA ILE A 121 2.58 -2.71 0.10
C ILE A 121 3.89 -3.37 0.34
N ASN A 122 4.70 -3.30 -0.72
CA ASN A 122 6.10 -3.82 -0.71
C ASN A 122 6.86 -2.59 -0.84
N VAL A 123 7.78 -2.29 0.05
CA VAL A 123 8.60 -1.10 -0.09
C VAL A 123 10.09 -1.41 0.02
N GLN A 124 10.84 -0.56 -0.65
CA GLN A 124 12.33 -0.80 -0.88
C GLN A 124 13.09 0.32 -0.22
N CYS A 125 13.42 0.14 1.06
CA CYS A 125 14.23 1.08 1.73
C CYS A 125 15.69 0.77 1.32
N CYS A 126 16.50 1.81 1.16
CA CYS A 126 17.91 1.75 0.66
C CYS A 126 18.93 2.37 1.62
N GLU A 127 20.20 2.35 1.22
CA GLU A 127 21.30 2.85 2.08
C GLU A 127 21.86 4.29 1.82
N CYS A 128 22.39 4.88 2.90
CA CYS A 128 22.91 6.27 2.98
C CYS A 128 24.13 6.62 2.05
N VAL A 129 24.35 7.99 1.81
CA VAL A 129 25.49 8.57 0.97
C VAL A 129 26.53 9.30 1.78
CA CA B . -3.43 -2.54 4.31
N SER A 30 30.28 7.53 12.09
CA SER A 30 29.02 7.55 12.93
C SER A 30 27.72 6.86 12.29
N PRO A 31 27.36 7.19 10.97
CA PRO A 31 26.14 6.65 10.35
C PRO A 31 26.21 5.25 9.72
N CYS A 32 25.04 4.68 9.51
CA CYS A 32 24.82 3.39 8.88
C CYS A 32 25.11 3.39 7.37
N VAL A 33 25.14 2.20 6.79
CA VAL A 33 25.36 2.01 5.35
C VAL A 33 24.21 1.16 4.81
N PRO A 34 23.11 1.82 4.35
CA PRO A 34 21.92 1.09 3.88
C PRO A 34 22.07 0.17 2.69
N LEU A 35 21.08 -0.72 2.58
CA LEU A 35 20.97 -1.68 1.48
C LEU A 35 19.55 -1.68 0.93
N CYS A 36 19.41 -1.37 -0.35
CA CYS A 36 18.09 -1.25 -0.98
C CYS A 36 17.51 -2.61 -1.34
N ASN A 37 16.61 -3.05 -0.46
CA ASN A 37 15.96 -4.36 -0.60
C ASN A 37 14.46 -4.29 -0.47
N TRP A 38 13.76 -5.22 -1.11
CA TRP A 38 12.30 -5.27 -0.96
C TRP A 38 11.98 -5.83 0.41
N THR A 39 11.29 -5.03 1.21
CA THR A 39 10.88 -5.39 2.57
C THR A 39 9.99 -6.62 2.70
N GLY A 40 9.46 -7.03 1.56
CA GLY A 40 8.52 -8.09 1.53
C GLY A 40 7.22 -7.37 1.60
N TRP A 41 6.16 -8.05 1.21
CA TRP A 41 4.85 -7.50 1.23
C TRP A 41 4.55 -7.24 2.73
N LEU A 42 4.19 -6.03 3.09
CA LEU A 42 3.85 -5.70 4.48
C LEU A 42 2.59 -4.85 4.45
N ASP A 43 1.93 -4.79 5.59
CA ASP A 43 0.66 -4.10 5.72
C ASP A 43 0.38 -3.78 7.17
N SER A 44 0.14 -2.51 7.49
CA SER A 44 -0.44 -2.22 8.79
C SER A 44 -1.91 -2.02 8.49
N GLY A 45 -2.74 -2.95 8.93
CA GLY A 45 -4.18 -2.90 8.73
C GLY A 45 -4.76 -2.10 7.56
N LYS A 46 -5.73 -1.29 7.93
CA LYS A 46 -6.40 -0.35 7.01
C LYS A 46 -7.14 0.74 7.82
N PRO A 47 -8.06 0.35 8.74
CA PRO A 47 -8.71 1.48 9.41
C PRO A 47 -7.85 2.10 10.50
N ASN A 48 -8.02 3.39 10.73
CA ASN A 48 -7.32 4.03 11.85
C ASN A 48 -7.95 3.52 13.15
N PHE A 49 -9.28 3.53 13.21
CA PHE A 49 -9.99 2.98 14.37
C PHE A 49 -11.11 2.00 14.04
N HIS A 50 -11.88 2.27 12.98
CA HIS A 50 -13.01 1.39 12.59
C HIS A 50 -13.65 1.69 11.22
N LYS A 51 -12.86 2.22 10.29
CA LYS A 51 -13.38 2.53 8.95
C LYS A 51 -13.68 1.19 8.23
N PRO A 52 -14.74 1.13 7.41
CA PRO A 52 -14.98 -0.15 6.71
C PRO A 52 -14.00 -0.45 5.57
N GLY A 53 -13.46 0.61 4.98
CA GLY A 53 -12.49 0.54 3.90
C GLY A 53 -11.60 1.70 4.24
N GLY A 54 -10.73 2.21 3.39
CA GLY A 54 -9.89 3.32 3.85
C GLY A 54 -8.44 2.89 4.03
N ASP A 55 -7.93 2.07 3.14
CA ASP A 55 -6.63 1.38 3.38
C ASP A 55 -5.57 2.42 3.08
N THR A 56 -5.01 2.99 4.15
CA THR A 56 -4.07 4.08 3.97
C THR A 56 -2.73 3.70 4.56
N GLU A 57 -1.79 3.29 3.71
CA GLU A 57 -0.48 2.83 4.19
C GLU A 57 0.63 3.68 3.59
N LEU A 58 1.02 4.69 4.35
CA LEU A 58 1.99 5.67 3.95
C LEU A 58 3.40 5.28 4.36
N ILE A 59 4.25 4.99 3.37
CA ILE A 59 5.64 4.65 3.59
C ILE A 59 6.57 5.84 3.59
N GLY A 60 6.00 6.93 3.13
CA GLY A 60 6.74 8.18 2.96
C GLY A 60 7.54 8.65 4.16
N ASP A 61 6.98 8.52 5.35
CA ASP A 61 7.68 8.87 6.59
C ASP A 61 8.26 7.65 7.30
N VAL A 62 8.25 6.49 6.65
CA VAL A 62 8.62 5.24 7.30
C VAL A 62 10.05 4.68 7.09
N CYS A 63 10.42 4.27 5.87
CA CYS A 63 11.65 3.54 5.63
C CYS A 63 12.93 4.34 5.26
N GLY A 64 12.83 5.24 4.31
CA GLY A 64 14.00 6.00 3.87
C GLY A 64 13.74 7.23 3.03
N PRO A 65 13.07 8.24 3.57
CA PRO A 65 12.86 9.39 2.70
C PRO A 65 14.14 10.18 2.36
N GLY A 66 14.15 10.72 1.15
CA GLY A 66 15.28 11.46 0.62
C GLY A 66 15.86 10.81 -0.62
N TRP A 67 15.47 9.59 -0.90
CA TRP A 67 15.85 8.91 -2.13
C TRP A 67 14.62 8.28 -2.72
N ALA A 68 14.83 7.65 -3.84
CA ALA A 68 13.71 7.09 -4.60
C ALA A 68 13.60 5.60 -4.37
N ALA A 69 12.64 5.23 -3.54
CA ALA A 69 12.41 3.86 -3.16
C ALA A 69 11.22 3.39 -4.03
N ASN A 70 11.14 2.10 -4.20
CA ASN A 70 10.09 1.52 -5.08
C ASN A 70 8.93 0.96 -4.24
N ILE A 71 7.70 1.03 -4.71
CA ILE A 71 6.53 0.58 -4.02
C ILE A 71 5.82 -0.38 -5.03
N SER A 72 5.25 -1.47 -4.49
CA SER A 72 4.38 -2.25 -5.30
C SER A 72 3.10 -2.31 -4.46
N CYS A 73 1.99 -1.82 -4.99
CA CYS A 73 0.68 -1.89 -4.30
C CYS A 73 -0.22 -2.98 -4.89
N ARG A 74 -0.71 -3.88 -3.99
CA ARG A 74 -1.59 -4.95 -4.43
C ARG A 74 -2.65 -5.23 -3.38
N ALA A 75 -3.73 -5.85 -3.84
CA ALA A 75 -4.80 -6.24 -2.93
C ALA A 75 -4.48 -7.68 -2.57
N THR A 76 -4.79 -8.08 -1.36
CA THR A 76 -4.58 -9.47 -0.94
C THR A 76 -5.41 -10.47 -1.78
N MET A 77 -6.48 -9.97 -2.43
CA MET A 77 -7.31 -10.78 -3.32
C MET A 77 -6.83 -10.68 -4.77
N TYR A 78 -5.92 -9.74 -5.01
CA TYR A 78 -5.35 -9.49 -6.35
C TYR A 78 -3.82 -9.27 -6.19
N PRO A 79 -3.08 -10.27 -5.71
CA PRO A 79 -1.66 -10.01 -5.43
C PRO A 79 -0.86 -9.86 -6.71
N ASP A 80 -1.44 -10.24 -7.83
CA ASP A 80 -0.79 -10.15 -9.13
C ASP A 80 -1.18 -8.82 -9.84
N VAL A 81 -2.36 -8.30 -9.55
CA VAL A 81 -2.88 -7.19 -10.30
C VAL A 81 -2.92 -5.82 -9.55
N PRO A 82 -2.38 -4.73 -10.15
CA PRO A 82 -2.45 -3.46 -9.42
C PRO A 82 -3.87 -2.94 -9.14
N ILE A 83 -4.08 -2.50 -7.92
CA ILE A 83 -5.38 -2.16 -7.41
C ILE A 83 -6.08 -1.10 -8.30
N GLY A 84 -5.43 0.00 -8.73
CA GLY A 84 -6.10 0.98 -9.66
C GLY A 84 -6.64 0.33 -10.95
N GLN A 85 -5.95 -0.68 -11.50
CA GLN A 85 -6.34 -1.25 -12.76
C GLN A 85 -7.57 -2.17 -12.62
N LEU A 86 -7.87 -2.69 -11.42
CA LEU A 86 -9.03 -3.62 -11.32
C LEU A 86 -10.36 -2.81 -11.30
N GLY A 87 -10.29 -1.50 -11.52
CA GLY A 87 -11.44 -0.67 -11.51
C GLY A 87 -11.74 -0.20 -10.10
N GLN A 88 -10.70 -0.17 -9.28
CA GLN A 88 -10.78 0.24 -7.88
C GLN A 88 -10.33 1.69 -7.82
N THR A 89 -10.85 2.44 -6.86
CA THR A 89 -10.41 3.82 -6.70
C THR A 89 -9.60 3.94 -5.50
N VAL A 90 -8.34 3.99 -5.87
CA VAL A 90 -7.25 3.96 -4.99
C VAL A 90 -6.25 4.89 -5.62
N VAL A 91 -5.36 5.33 -4.79
CA VAL A 91 -4.20 6.06 -5.20
C VAL A 91 -3.08 5.48 -4.38
N CYS A 92 -2.30 4.60 -4.99
CA CYS A 92 -1.09 4.13 -4.35
C CYS A 92 -0.02 5.03 -5.03
N ASP A 93 0.39 6.07 -4.31
CA ASP A 93 1.32 7.07 -4.85
C ASP A 93 2.74 6.83 -4.38
N VAL A 94 3.68 6.77 -5.30
CA VAL A 94 5.11 6.62 -4.95
C VAL A 94 5.63 7.77 -4.10
N SER A 95 4.90 8.89 -4.07
CA SER A 95 5.31 10.05 -3.30
C SER A 95 4.94 9.97 -1.82
N VAL A 96 3.86 9.28 -1.49
CA VAL A 96 3.39 9.18 -0.09
C VAL A 96 3.09 7.76 0.41
N GLY A 97 2.56 6.92 -0.46
CA GLY A 97 2.14 5.60 -0.06
C GLY A 97 0.75 5.36 -0.55
N LEU A 98 0.13 4.32 -0.02
CA LEU A 98 -1.18 3.89 -0.46
C LEU A 98 -2.35 4.60 0.24
N ILE A 99 -3.36 4.95 -0.57
CA ILE A 99 -4.63 5.52 -0.12
C ILE A 99 -5.84 4.86 -0.88
N CYS A 100 -6.44 3.79 -0.35
CA CYS A 100 -7.67 3.22 -0.92
C CYS A 100 -8.89 3.72 -0.17
N LYS A 101 -9.75 4.39 -0.94
CA LYS A 101 -10.98 4.96 -0.41
C LYS A 101 -12.13 4.81 -1.40
N ASN A 102 -13.21 4.25 -0.91
CA ASN A 102 -14.43 4.19 -1.70
C ASN A 102 -15.19 5.45 -1.30
N GLU A 103 -15.29 6.40 -2.22
CA GLU A 103 -15.98 7.65 -1.95
C GLU A 103 -17.46 7.51 -2.31
N ASP A 104 -17.69 6.93 -3.48
CA ASP A 104 -19.02 6.64 -3.99
C ASP A 104 -19.35 5.17 -3.76
N GLN A 105 -20.61 4.81 -3.91
CA GLN A 105 -21.04 3.42 -3.73
C GLN A 105 -20.91 2.61 -5.02
N LYS A 106 -19.96 1.69 -5.03
CA LYS A 106 -19.69 0.83 -6.19
C LYS A 106 -19.04 -0.44 -5.66
N PRO A 107 -18.98 -1.54 -6.45
CA PRO A 107 -18.33 -2.72 -5.88
C PRO A 107 -16.81 -2.56 -5.76
N GLY A 108 -16.20 -3.36 -4.89
CA GLY A 108 -14.75 -3.32 -4.71
C GLY A 108 -14.01 -4.04 -5.82
N GLY A 109 -13.83 -3.37 -6.94
CA GLY A 109 -13.15 -3.96 -8.08
C GLY A 109 -14.09 -4.78 -8.95
N VAL A 110 -13.50 -5.57 -9.84
CA VAL A 110 -14.25 -6.37 -10.83
C VAL A 110 -15.17 -7.46 -10.27
N ILE A 111 -15.07 -7.79 -8.99
CA ILE A 111 -16.01 -8.75 -8.38
C ILE A 111 -16.52 -8.20 -7.05
N PRO A 112 -17.85 -8.22 -6.84
CA PRO A 112 -18.31 -7.71 -5.55
C PRO A 112 -18.08 -8.72 -4.42
N MET A 113 -17.71 -8.23 -3.26
CA MET A 113 -17.53 -9.08 -2.09
C MET A 113 -17.73 -8.27 -0.81
N ALA A 114 -16.90 -7.25 -0.66
CA ALA A 114 -16.89 -6.39 0.49
C ALA A 114 -16.44 -5.01 0.04
N PHE A 115 -16.37 -4.11 1.00
CA PHE A 115 -15.75 -2.77 0.88
C PHE A 115 -14.24 -2.91 0.49
N CYS A 116 -13.51 -1.81 0.43
CA CYS A 116 -12.07 -1.81 0.21
C CYS A 116 -11.51 -2.82 1.23
N LEU A 117 -10.90 -3.86 0.72
CA LEU A 117 -10.41 -4.96 1.53
C LEU A 117 -8.98 -4.63 1.91
N ASN A 118 -8.31 -5.50 2.65
CA ASN A 118 -6.94 -5.18 3.05
C ASN A 118 -5.99 -5.23 1.86
N TYR A 119 -5.27 -4.13 1.69
CA TYR A 119 -4.25 -4.03 0.66
C TYR A 119 -2.93 -4.02 1.33
N GLU A 120 -1.94 -4.50 0.58
CA GLU A 120 -0.57 -4.66 1.04
C GLU A 120 0.34 -3.88 0.12
N ILE A 121 1.45 -3.41 0.66
CA ILE A 121 2.45 -2.74 -0.16
C ILE A 121 3.79 -3.34 0.14
N ASN A 122 4.57 -3.39 -0.94
CA ASN A 122 5.88 -3.97 -0.95
C ASN A 122 6.71 -2.80 -1.23
N VAL A 123 7.78 -2.58 -0.48
CA VAL A 123 8.65 -1.42 -0.71
C VAL A 123 10.07 -1.84 -0.71
N GLN A 124 10.82 -1.07 -1.48
CA GLN A 124 12.27 -1.31 -1.73
C GLN A 124 12.97 -0.08 -1.29
N CYS A 125 13.20 -0.01 0.00
CA CYS A 125 13.92 1.09 0.59
C CYS A 125 15.32 0.54 0.98
N CYS A 126 16.19 1.48 1.29
CA CYS A 126 17.58 1.23 1.65
C CYS A 126 17.67 1.25 3.18
N GLU A 127 17.84 0.06 3.80
CA GLU A 127 17.84 -0.19 5.25
C GLU A 127 19.13 -0.82 5.82
N CYS A 128 19.35 -0.71 7.14
CA CYS A 128 20.53 -1.28 7.80
C CYS A 128 20.08 -2.44 8.76
N VAL A 129 20.85 -3.64 8.74
CA VAL A 129 20.51 -4.88 9.49
C VAL A 129 21.60 -5.35 10.41
CA CA B . -3.56 -2.48 4.49
N SER A 30 28.18 -2.73 18.31
CA SER A 30 28.15 -3.43 16.96
C SER A 30 26.97 -2.95 16.01
N PRO A 31 27.10 -1.67 15.47
CA PRO A 31 26.09 -1.07 14.59
C PRO A 31 26.19 -1.52 13.11
N CYS A 32 25.05 -1.45 12.43
CA CYS A 32 24.92 -1.81 11.03
C CYS A 32 24.58 -0.55 10.19
N VAL A 33 24.43 -0.75 8.88
CA VAL A 33 24.08 0.32 7.94
C VAL A 33 22.98 -0.21 7.02
N PRO A 34 22.05 0.66 6.55
CA PRO A 34 20.94 0.15 5.73
C PRO A 34 21.29 -0.53 4.41
N LEU A 35 20.34 -1.35 3.96
CA LEU A 35 20.41 -2.03 2.67
C LEU A 35 19.07 -1.85 1.97
N CYS A 36 19.11 -1.34 0.73
CA CYS A 36 17.86 -1.05 0.00
C CYS A 36 17.34 -2.36 -0.59
N ASN A 37 16.33 -2.88 0.07
CA ASN A 37 15.73 -4.18 -0.27
C ASN A 37 14.21 -4.14 -0.17
N TRP A 38 13.56 -4.97 -0.98
CA TRP A 38 12.09 -5.06 -0.90
C TRP A 38 11.74 -5.74 0.41
N THR A 39 10.98 -5.06 1.26
CA THR A 39 10.55 -5.57 2.57
C THR A 39 9.71 -6.84 2.47
N GLY A 40 9.17 -7.07 1.29
CA GLY A 40 8.29 -8.20 1.12
C GLY A 40 6.98 -7.52 1.28
N TRP A 41 5.94 -8.18 0.82
CA TRP A 41 4.56 -7.70 0.90
C TRP A 41 4.15 -7.61 2.40
N LEU A 42 3.93 -6.43 2.88
CA LEU A 42 3.48 -6.20 4.26
C LEU A 42 2.25 -5.30 4.22
N ASP A 43 1.44 -5.40 5.26
CA ASP A 43 0.14 -4.77 5.28
C ASP A 43 -0.16 -4.06 6.59
N SER A 44 0.38 -2.86 6.74
CA SER A 44 0.12 -2.08 7.94
C SER A 44 -1.05 -1.17 7.61
N GLY A 45 -2.19 -1.46 8.22
CA GLY A 45 -3.41 -0.71 7.96
C GLY A 45 -4.44 -1.52 7.21
N LYS A 46 -5.70 -1.42 7.64
CA LYS A 46 -6.79 -2.20 7.06
C LYS A 46 -8.13 -1.54 7.38
N PRO A 47 -9.20 -1.82 6.58
CA PRO A 47 -10.49 -1.16 6.87
C PRO A 47 -11.13 -1.64 8.18
N ASN A 48 -10.60 -2.71 8.75
CA ASN A 48 -11.09 -3.23 10.04
C ASN A 48 -10.81 -2.23 11.18
N PHE A 49 -9.88 -1.30 10.97
CA PHE A 49 -9.57 -0.27 11.96
C PHE A 49 -10.48 0.95 11.75
N HIS A 50 -11.34 0.83 10.75
CA HIS A 50 -12.31 1.87 10.38
C HIS A 50 -11.62 3.16 9.96
N LYS A 51 -10.51 2.99 9.26
CA LYS A 51 -9.76 4.11 8.71
C LYS A 51 -10.68 4.76 7.68
N PRO A 52 -10.74 6.10 7.59
CA PRO A 52 -11.66 6.62 6.58
C PRO A 52 -11.19 6.30 5.16
N GLY A 53 -12.10 5.78 4.37
CA GLY A 53 -11.76 5.37 3.02
C GLY A 53 -11.37 3.87 3.04
N GLY A 54 -10.62 3.49 4.07
CA GLY A 54 -10.20 2.14 4.31
C GLY A 54 -8.78 1.57 4.20
N ASP A 55 -7.82 2.01 3.35
CA ASP A 55 -6.43 1.54 3.52
C ASP A 55 -5.62 2.79 3.36
N THR A 56 -4.57 2.89 4.13
CA THR A 56 -3.65 4.01 3.99
C THR A 56 -2.33 3.46 4.40
N GLU A 57 -1.48 3.10 3.45
CA GLU A 57 -0.23 2.50 3.80
C GLU A 57 0.85 3.45 3.26
N LEU A 58 1.24 4.39 4.09
CA LEU A 58 2.11 5.48 3.72
C LEU A 58 3.57 5.23 4.05
N ILE A 59 4.40 5.20 3.01
CA ILE A 59 5.82 5.02 3.11
C ILE A 59 6.55 6.34 3.26
N GLY A 60 5.92 7.39 2.77
CA GLY A 60 6.50 8.73 2.82
C GLY A 60 6.73 9.23 4.24
N ASP A 61 5.96 8.70 5.18
CA ASP A 61 6.10 9.08 6.58
C ASP A 61 7.22 8.29 7.26
N VAL A 62 7.46 7.06 6.81
CA VAL A 62 8.40 6.16 7.44
C VAL A 62 9.78 6.08 6.73
N CYS A 63 9.82 5.55 5.51
CA CYS A 63 11.02 5.16 4.83
C CYS A 63 11.53 6.23 3.81
N GLY A 64 10.61 7.06 3.35
CA GLY A 64 10.93 8.11 2.38
C GLY A 64 11.71 9.33 2.85
N PRO A 65 11.86 9.63 4.16
CA PRO A 65 12.68 10.84 4.38
C PRO A 65 14.19 10.70 4.21
N GLY A 66 14.71 11.31 3.14
CA GLY A 66 16.12 11.30 2.89
C GLY A 66 16.54 10.64 1.59
N TRP A 67 15.72 9.73 1.06
CA TRP A 67 16.03 9.06 -0.22
C TRP A 67 14.78 8.55 -0.86
N ALA A 68 14.97 8.00 -2.03
CA ALA A 68 13.84 7.54 -2.85
C ALA A 68 13.78 5.99 -2.89
N ALA A 69 12.75 5.45 -2.24
CA ALA A 69 12.54 4.02 -2.06
C ALA A 69 11.45 3.67 -3.09
N ASN A 70 11.22 2.38 -3.40
CA ASN A 70 10.13 2.02 -4.40
C ASN A 70 9.04 1.20 -3.83
N ILE A 71 7.80 1.57 -4.12
CA ILE A 71 6.64 0.96 -3.65
C ILE A 71 5.94 0.17 -4.74
N SER A 72 5.34 -0.91 -4.33
CA SER A 72 4.46 -1.65 -5.18
C SER A 72 3.19 -1.90 -4.38
N CYS A 73 2.08 -1.45 -4.87
CA CYS A 73 0.78 -1.62 -4.23
C CYS A 73 -0.10 -2.71 -4.86
N ARG A 74 -0.68 -3.58 -4.03
CA ARG A 74 -1.53 -4.70 -4.51
C ARG A 74 -2.61 -5.23 -3.53
N ALA A 75 -3.46 -6.15 -3.99
CA ALA A 75 -4.46 -6.77 -3.12
C ALA A 75 -4.12 -8.24 -2.81
N THR A 76 -4.45 -8.71 -1.61
CA THR A 76 -4.20 -10.10 -1.21
C THR A 76 -4.99 -11.12 -2.01
N MET A 77 -6.18 -10.73 -2.43
CA MET A 77 -7.01 -11.62 -3.28
C MET A 77 -6.48 -11.61 -4.69
N TYR A 78 -5.68 -10.61 -5.00
CA TYR A 78 -5.16 -10.38 -6.37
C TYR A 78 -3.67 -10.04 -6.38
N PRO A 79 -2.77 -10.98 -6.04
CA PRO A 79 -1.35 -10.60 -5.93
C PRO A 79 -0.77 -10.25 -7.31
N ASP A 80 -1.45 -10.73 -8.35
CA ASP A 80 -1.06 -10.49 -9.71
C ASP A 80 -1.63 -9.14 -10.23
N VAL A 81 -2.79 -8.68 -9.71
CA VAL A 81 -3.42 -7.52 -10.26
C VAL A 81 -3.35 -6.20 -9.45
N PRO A 82 -2.91 -5.08 -10.06
CA PRO A 82 -2.83 -3.79 -9.32
C PRO A 82 -4.16 -3.29 -8.79
N ILE A 83 -4.14 -2.55 -7.67
CA ILE A 83 -5.36 -2.10 -6.99
C ILE A 83 -6.35 -1.38 -7.93
N GLY A 84 -5.87 -0.42 -8.68
CA GLY A 84 -6.70 0.30 -9.63
C GLY A 84 -7.39 -0.67 -10.65
N GLN A 85 -6.75 -1.75 -11.03
CA GLN A 85 -7.34 -2.63 -12.00
C GLN A 85 -8.43 -3.53 -11.34
N LEU A 86 -8.58 -3.47 -10.01
CA LEU A 86 -9.56 -4.26 -9.36
C LEU A 86 -10.93 -3.65 -9.48
N GLY A 87 -10.95 -2.47 -10.04
CA GLY A 87 -12.15 -1.67 -10.18
C GLY A 87 -12.27 -0.77 -8.96
N GLN A 88 -11.13 -0.60 -8.33
CA GLN A 88 -10.98 0.20 -7.13
C GLN A 88 -10.43 1.56 -7.48
N THR A 89 -10.83 2.55 -6.73
CA THR A 89 -10.24 3.90 -6.80
C THR A 89 -9.38 4.10 -5.62
N VAL A 90 -8.08 3.95 -5.80
CA VAL A 90 -7.07 4.21 -4.72
C VAL A 90 -6.08 5.11 -5.40
N VAL A 91 -5.41 5.79 -4.61
CA VAL A 91 -4.23 6.58 -5.01
C VAL A 91 -3.08 5.85 -4.28
N CYS A 92 -2.39 5.03 -5.03
CA CYS A 92 -1.20 4.37 -4.45
C CYS A 92 -0.07 5.17 -5.22
N ASP A 93 0.53 6.14 -4.47
CA ASP A 93 1.59 6.98 -4.99
C ASP A 93 3.00 6.67 -4.61
N VAL A 94 3.89 6.59 -5.50
CA VAL A 94 5.40 6.56 -5.22
C VAL A 94 5.85 7.73 -4.30
N SER A 95 5.11 8.81 -4.29
CA SER A 95 5.46 9.99 -3.49
C SER A 95 5.04 9.91 -2.04
N VAL A 96 3.94 9.23 -1.74
CA VAL A 96 3.45 9.13 -0.34
C VAL A 96 3.13 7.70 0.14
N GLY A 97 2.64 6.84 -0.72
CA GLY A 97 2.21 5.49 -0.36
C GLY A 97 0.78 5.29 -0.81
N LEU A 98 0.16 4.25 -0.26
CA LEU A 98 -1.19 3.88 -0.61
C LEU A 98 -2.20 4.66 0.20
N ILE A 99 -3.23 5.14 -0.52
CA ILE A 99 -4.44 5.80 0.06
C ILE A 99 -5.67 5.18 -0.65
N CYS A 100 -6.26 4.08 -0.10
CA CYS A 100 -7.45 3.38 -0.56
C CYS A 100 -8.62 4.02 0.16
N LYS A 101 -9.58 4.49 -0.65
CA LYS A 101 -10.73 5.21 -0.14
C LYS A 101 -11.93 4.85 -0.95
N ASN A 102 -12.71 3.96 -0.40
CA ASN A 102 -14.07 3.67 -0.95
C ASN A 102 -15.16 4.40 -0.21
N GLU A 103 -15.77 5.39 -0.87
CA GLU A 103 -16.92 6.10 -0.32
C GLU A 103 -18.22 5.41 -0.68
N ASP A 104 -18.35 5.01 -1.94
CA ASP A 104 -19.56 4.38 -2.46
C ASP A 104 -19.47 2.86 -2.54
N GLN A 105 -20.21 2.14 -1.70
CA GLN A 105 -20.23 0.67 -1.78
C GLN A 105 -20.96 0.23 -3.05
N LYS A 106 -20.53 -0.87 -3.67
CA LYS A 106 -21.08 -1.29 -4.96
C LYS A 106 -21.64 -2.71 -4.89
N PRO A 107 -22.63 -3.04 -5.74
CA PRO A 107 -23.16 -4.41 -5.65
C PRO A 107 -22.20 -5.46 -6.21
N GLY A 108 -22.32 -6.68 -5.72
CA GLY A 108 -21.50 -7.78 -6.18
C GLY A 108 -21.92 -9.05 -5.46
N GLY A 109 -21.34 -10.18 -5.82
CA GLY A 109 -21.72 -11.43 -5.18
C GLY A 109 -21.29 -12.71 -5.89
N VAL A 110 -20.17 -12.66 -6.60
CA VAL A 110 -19.67 -13.83 -7.34
C VAL A 110 -18.32 -14.27 -6.76
N ILE A 111 -17.47 -13.31 -6.49
CA ILE A 111 -16.15 -13.55 -5.92
C ILE A 111 -16.21 -12.95 -4.50
N PRO A 112 -15.74 -13.69 -3.46
CA PRO A 112 -15.78 -13.09 -2.12
C PRO A 112 -14.77 -11.96 -1.96
N MET A 113 -15.25 -10.73 -2.08
CA MET A 113 -14.38 -9.56 -2.02
C MET A 113 -15.23 -8.38 -1.57
N ALA A 114 -14.59 -7.26 -1.26
CA ALA A 114 -15.30 -6.05 -0.93
C ALA A 114 -14.50 -4.87 -1.48
N PHE A 115 -15.18 -3.76 -1.55
CA PHE A 115 -14.65 -2.48 -2.02
C PHE A 115 -13.66 -2.07 -0.95
N CYS A 116 -12.52 -1.56 -1.41
CA CYS A 116 -11.39 -1.27 -0.56
C CYS A 116 -11.18 -2.39 0.49
N LEU A 117 -10.98 -3.60 -0.03
CA LEU A 117 -10.65 -4.76 0.79
C LEU A 117 -9.21 -4.50 1.20
N ASN A 118 -8.73 -5.12 2.28
CA ASN A 118 -7.39 -4.82 2.77
C ASN A 118 -6.31 -5.01 1.69
N TYR A 119 -5.49 -3.98 1.53
CA TYR A 119 -4.42 -3.97 0.55
C TYR A 119 -3.06 -3.90 1.20
N GLU A 120 -2.08 -4.41 0.47
CA GLU A 120 -0.68 -4.46 0.90
C GLU A 120 0.23 -3.68 -0.01
N ILE A 121 1.40 -3.37 0.52
CA ILE A 121 2.41 -2.69 -0.19
C ILE A 121 3.66 -3.44 -0.01
N ASN A 122 4.54 -3.30 -0.97
CA ASN A 122 5.93 -3.90 -0.92
C ASN A 122 6.72 -2.67 -1.07
N VAL A 123 7.71 -2.47 -0.26
CA VAL A 123 8.52 -1.29 -0.38
C VAL A 123 9.94 -1.65 -0.45
N GLN A 124 10.71 -0.85 -1.16
CA GLN A 124 12.14 -1.08 -1.29
C GLN A 124 12.87 0.12 -0.74
N CYS A 125 13.02 0.14 0.57
CA CYS A 125 13.71 1.17 1.29
C CYS A 125 15.00 0.51 1.85
N CYS A 126 15.85 1.39 2.36
CA CYS A 126 17.12 1.01 2.91
C CYS A 126 16.97 0.87 4.44
N GLU A 127 16.97 -0.39 4.88
CA GLU A 127 16.75 -0.80 6.30
C GLU A 127 17.72 -1.94 6.74
N CYS A 128 17.73 -2.28 8.05
CA CYS A 128 18.55 -3.38 8.59
C CYS A 128 17.67 -4.28 9.54
N VAL A 129 17.70 -5.69 9.27
CA VAL A 129 16.92 -6.71 10.04
C VAL A 129 17.73 -7.91 10.49
CA CA B . -3.44 -2.73 4.10
N SER A 30 32.09 6.04 13.24
CA SER A 30 31.57 4.65 12.89
C SER A 30 30.06 4.65 12.41
N PRO A 31 29.83 4.99 11.07
CA PRO A 31 28.48 5.00 10.48
C PRO A 31 27.98 3.61 10.03
N CYS A 32 26.67 3.52 9.84
CA CYS A 32 26.00 2.31 9.35
C CYS A 32 26.13 2.17 7.83
N VAL A 33 25.74 1.00 7.33
CA VAL A 33 25.83 0.68 5.91
C VAL A 33 24.58 -0.11 5.44
N PRO A 34 23.54 0.62 4.97
CA PRO A 34 22.29 -0.03 4.53
C PRO A 34 22.38 -0.97 3.33
N LEU A 35 21.35 -1.80 3.19
CA LEU A 35 21.18 -2.74 2.10
C LEU A 35 19.76 -2.61 1.56
N CYS A 36 19.65 -2.25 0.29
CA CYS A 36 18.34 -2.01 -0.32
C CYS A 36 17.64 -3.32 -0.71
N ASN A 37 16.64 -3.68 0.06
CA ASN A 37 15.83 -4.90 -0.18
C ASN A 37 14.32 -4.66 -0.09
N TRP A 38 13.54 -5.48 -0.78
CA TRP A 38 12.08 -5.37 -0.67
C TRP A 38 11.73 -5.91 0.72
N THR A 39 11.02 -5.15 1.50
CA THR A 39 10.59 -5.54 2.85
C THR A 39 9.69 -6.74 2.86
N GLY A 40 9.00 -6.95 1.73
CA GLY A 40 8.05 -8.03 1.62
C GLY A 40 6.67 -7.35 1.72
N TRP A 41 5.67 -8.00 1.12
CA TRP A 41 4.31 -7.52 1.14
C TRP A 41 3.90 -7.59 2.59
N LEU A 42 3.71 -6.41 3.17
CA LEU A 42 3.30 -6.32 4.59
C LEU A 42 2.42 -5.19 5.03
N ASP A 43 1.28 -5.55 5.67
CA ASP A 43 0.46 -4.55 6.25
C ASP A 43 -0.71 -5.23 6.96
N SER A 44 -0.99 -4.85 8.21
CA SER A 44 -2.19 -5.36 8.86
C SER A 44 -3.25 -4.27 8.75
N GLY A 45 -4.26 -4.49 7.94
CA GLY A 45 -5.32 -3.51 7.77
C GLY A 45 -4.80 -2.16 7.30
N LYS A 46 -4.83 -1.19 8.21
CA LYS A 46 -4.31 0.16 7.96
C LYS A 46 -4.14 0.84 9.32
N PRO A 47 -3.25 1.85 9.45
CA PRO A 47 -3.29 2.58 10.71
C PRO A 47 -4.57 3.43 10.79
N ASN A 48 -5.54 2.95 11.57
CA ASN A 48 -6.84 3.61 11.69
C ASN A 48 -6.71 5.08 12.11
N PHE A 49 -5.74 5.35 12.96
CA PHE A 49 -5.50 6.69 13.47
C PHE A 49 -5.12 7.71 12.40
N HIS A 50 -4.65 7.27 11.24
CA HIS A 50 -4.23 8.21 10.20
C HIS A 50 -5.43 8.87 9.52
N LYS A 51 -6.23 8.08 8.81
CA LYS A 51 -7.42 8.60 8.09
C LYS A 51 -8.29 7.45 7.56
N PRO A 52 -9.62 7.65 7.46
CA PRO A 52 -10.49 6.60 6.91
C PRO A 52 -10.37 6.56 5.38
N GLY A 53 -11.13 5.68 4.75
CA GLY A 53 -11.10 5.56 3.31
C GLY A 53 -11.21 4.04 2.96
N GLY A 54 -10.88 3.19 3.88
CA GLY A 54 -10.87 1.75 3.71
C GLY A 54 -9.43 1.14 3.65
N ASP A 55 -8.34 1.86 3.19
CA ASP A 55 -6.99 1.39 3.55
C ASP A 55 -5.99 2.53 3.36
N THR A 56 -4.91 2.52 4.10
CA THR A 56 -3.87 3.55 3.90
C THR A 56 -2.52 2.95 4.26
N GLU A 57 -1.55 2.99 3.37
CA GLU A 57 -0.19 2.53 3.69
C GLU A 57 0.87 3.53 3.22
N LEU A 58 1.28 4.45 4.07
CA LEU A 58 2.19 5.52 3.80
C LEU A 58 3.64 5.15 3.79
N ILE A 59 4.45 5.77 2.92
CA ILE A 59 5.86 5.48 2.79
C ILE A 59 6.76 6.30 3.73
N GLY A 60 6.40 7.59 3.87
CA GLY A 60 7.24 8.56 4.55
C GLY A 60 7.86 8.21 5.86
N ASP A 61 7.11 7.66 6.80
CA ASP A 61 7.63 7.31 8.13
C ASP A 61 7.94 5.80 8.22
N VAL A 62 7.77 5.11 7.10
CA VAL A 62 7.83 3.65 7.05
C VAL A 62 9.12 3.01 6.54
N CYS A 63 9.68 3.58 5.49
CA CYS A 63 10.73 2.93 4.71
C CYS A 63 12.21 3.38 4.87
N GLY A 64 12.47 4.68 4.78
CA GLY A 64 13.83 5.18 4.86
C GLY A 64 13.98 6.47 4.07
N PRO A 65 13.46 7.58 4.62
CA PRO A 65 13.56 8.80 3.81
C PRO A 65 14.96 9.36 3.62
N GLY A 66 15.12 10.08 2.50
CA GLY A 66 16.38 10.69 2.15
C GLY A 66 16.90 10.13 0.85
N TRP A 67 16.29 9.05 0.36
CA TRP A 67 16.59 8.50 -0.95
C TRP A 67 15.31 8.06 -1.58
N ALA A 68 15.45 7.53 -2.79
CA ALA A 68 14.32 7.15 -3.59
C ALA A 68 14.29 5.61 -3.62
N ALA A 69 13.35 5.07 -2.87
CA ALA A 69 13.15 3.64 -2.72
C ALA A 69 12.00 3.24 -3.64
N ASN A 70 11.83 1.94 -3.88
CA ASN A 70 10.75 1.47 -4.84
C ASN A 70 9.54 0.90 -4.16
N ILE A 71 8.36 1.36 -4.50
CA ILE A 71 7.09 0.92 -4.01
C ILE A 71 6.38 0.07 -5.01
N SER A 72 5.58 -0.84 -4.43
CA SER A 72 4.59 -1.62 -5.15
C SER A 72 3.34 -1.70 -4.26
N CYS A 73 2.21 -1.25 -4.74
CA CYS A 73 0.92 -1.31 -4.03
C CYS A 73 0.03 -2.45 -4.75
N ARG A 74 -0.55 -3.31 -3.94
CA ARG A 74 -1.56 -4.29 -4.47
C ARG A 74 -2.43 -4.91 -3.39
N ALA A 75 -3.39 -5.71 -3.81
CA ALA A 75 -4.30 -6.48 -2.94
C ALA A 75 -3.71 -7.86 -2.74
N THR A 76 -3.78 -8.39 -1.52
CA THR A 76 -3.26 -9.70 -1.23
C THR A 76 -3.86 -10.80 -2.11
N MET A 77 -5.17 -10.69 -2.33
CA MET A 77 -5.89 -11.70 -3.11
C MET A 77 -5.77 -11.51 -4.62
N TYR A 78 -5.16 -10.39 -5.02
CA TYR A 78 -4.98 -10.09 -6.45
C TYR A 78 -3.48 -9.76 -6.65
N PRO A 79 -2.60 -10.76 -6.53
CA PRO A 79 -1.17 -10.47 -6.61
C PRO A 79 -0.74 -10.09 -8.03
N ASP A 80 -1.53 -10.51 -9.02
CA ASP A 80 -1.23 -10.27 -10.44
C ASP A 80 -1.94 -9.05 -11.01
N VAL A 81 -2.99 -8.60 -10.32
CA VAL A 81 -3.82 -7.53 -10.86
C VAL A 81 -3.62 -6.22 -10.13
N PRO A 82 -3.25 -5.12 -10.82
CA PRO A 82 -3.17 -3.87 -10.04
C PRO A 82 -4.52 -3.48 -9.49
N ILE A 83 -4.61 -2.92 -8.30
CA ILE A 83 -5.83 -2.67 -7.67
C ILE A 83 -6.79 -1.85 -8.53
N GLY A 84 -6.41 -0.71 -9.13
CA GLY A 84 -7.28 -0.11 -10.18
C GLY A 84 -7.91 -1.05 -11.22
N GLN A 85 -7.24 -2.07 -11.62
CA GLN A 85 -7.82 -3.00 -12.55
C GLN A 85 -8.91 -3.90 -12.01
N LEU A 86 -8.94 -4.04 -10.73
CA LEU A 86 -10.05 -4.91 -10.17
C LEU A 86 -11.33 -4.03 -10.02
N GLY A 87 -11.25 -2.82 -10.54
CA GLY A 87 -12.35 -1.93 -10.57
C GLY A 87 -12.30 -0.99 -9.35
N GLN A 88 -11.10 -0.73 -8.87
CA GLN A 88 -10.86 0.06 -7.68
C GLN A 88 -10.55 1.51 -7.98
N THR A 89 -10.75 2.32 -6.96
CA THR A 89 -10.33 3.70 -6.95
C THR A 89 -9.54 3.88 -5.72
N VAL A 90 -8.24 3.85 -5.87
CA VAL A 90 -7.29 4.06 -4.73
C VAL A 90 -6.31 5.04 -5.36
N VAL A 91 -5.65 5.64 -4.45
CA VAL A 91 -4.42 6.34 -4.75
C VAL A 91 -3.26 5.72 -4.07
N CYS A 92 -2.61 4.90 -4.87
CA CYS A 92 -1.45 4.25 -4.43
C CYS A 92 -0.33 5.14 -5.14
N ASP A 93 0.32 6.05 -4.36
CA ASP A 93 1.30 7.02 -4.94
C ASP A 93 2.77 6.76 -4.66
N VAL A 94 3.65 6.71 -5.64
CA VAL A 94 5.08 6.52 -5.42
C VAL A 94 5.76 7.50 -4.47
N SER A 95 5.25 8.71 -4.36
CA SER A 95 5.84 9.68 -3.44
C SER A 95 5.07 9.80 -2.13
N VAL A 96 3.95 9.11 -2.03
CA VAL A 96 3.10 9.25 -0.85
C VAL A 96 2.63 7.96 -0.13
N GLY A 97 2.37 6.88 -0.86
CA GLY A 97 1.92 5.63 -0.23
C GLY A 97 0.54 5.31 -0.71
N LEU A 98 -0.09 4.26 -0.21
CA LEU A 98 -1.45 3.98 -0.54
C LEU A 98 -2.48 4.68 0.29
N ILE A 99 -3.55 4.97 -0.38
CA ILE A 99 -4.69 5.63 0.18
C ILE A 99 -5.85 4.97 -0.60
N CYS A 100 -6.40 3.87 -0.12
CA CYS A 100 -7.55 3.28 -0.73
C CYS A 100 -8.75 3.97 0.01
N LYS A 101 -9.61 4.60 -0.74
CA LYS A 101 -10.75 5.42 -0.32
C LYS A 101 -12.02 5.06 -1.08
N ASN A 102 -12.88 4.30 -0.42
CA ASN A 102 -14.22 4.15 -1.04
C ASN A 102 -14.95 5.45 -0.66
N GLU A 103 -15.23 6.27 -1.64
CA GLU A 103 -15.96 7.54 -1.40
C GLU A 103 -17.47 7.39 -1.47
N ASP A 104 -17.91 6.68 -2.51
CA ASP A 104 -19.31 6.38 -2.71
C ASP A 104 -19.56 4.97 -2.22
N GLN A 105 -20.68 4.78 -1.52
CA GLN A 105 -21.01 3.48 -0.93
C GLN A 105 -21.31 2.45 -2.01
N LYS A 106 -20.41 1.47 -2.16
CA LYS A 106 -20.55 0.41 -3.15
C LYS A 106 -19.88 -0.87 -2.64
N PRO A 107 -20.34 -2.05 -3.09
CA PRO A 107 -19.70 -3.32 -2.69
C PRO A 107 -18.42 -3.62 -3.49
N GLY A 108 -17.47 -2.69 -3.47
CA GLY A 108 -16.24 -2.86 -4.21
C GLY A 108 -16.35 -2.40 -5.65
N GLY A 109 -15.57 -3.04 -6.52
CA GLY A 109 -15.49 -2.67 -7.91
C GLY A 109 -16.31 -3.55 -8.85
N VAL A 110 -15.72 -3.92 -9.98
CA VAL A 110 -16.41 -4.74 -10.97
C VAL A 110 -16.59 -6.17 -10.42
N ILE A 111 -15.79 -6.53 -9.42
CA ILE A 111 -15.99 -7.82 -8.74
C ILE A 111 -16.73 -7.44 -7.46
N PRO A 112 -17.86 -8.13 -7.15
CA PRO A 112 -18.52 -7.76 -5.89
C PRO A 112 -17.76 -8.27 -4.67
N MET A 113 -17.68 -7.42 -3.65
CA MET A 113 -16.96 -7.76 -2.42
C MET A 113 -17.52 -6.87 -1.30
N ALA A 114 -16.83 -6.89 -0.18
CA ALA A 114 -17.06 -6.00 0.94
C ALA A 114 -16.23 -4.74 0.61
N PHE A 115 -16.27 -3.76 1.51
CA PHE A 115 -15.42 -2.56 1.41
C PHE A 115 -13.94 -2.94 1.16
N CYS A 116 -13.13 -1.94 0.81
CA CYS A 116 -11.69 -2.08 0.52
C CYS A 116 -11.03 -3.30 1.19
N LEU A 117 -10.69 -4.25 0.33
CA LEU A 117 -10.00 -5.47 0.72
C LEU A 117 -8.63 -5.00 1.18
N ASN A 118 -8.02 -5.64 2.16
CA ASN A 118 -6.73 -5.16 2.60
C ASN A 118 -5.74 -5.06 1.44
N TYR A 119 -5.23 -3.86 1.22
CA TYR A 119 -4.22 -3.65 0.23
C TYR A 119 -2.97 -3.50 1.01
N GLU A 120 -1.89 -3.63 0.31
CA GLU A 120 -0.56 -3.64 0.94
C GLU A 120 0.43 -2.99 0.10
N ILE A 121 1.54 -2.70 0.72
CA ILE A 121 2.61 -2.24 -0.06
C ILE A 121 3.82 -3.06 0.16
N ASN A 122 4.72 -2.94 -0.82
CA ASN A 122 6.03 -3.66 -0.79
C ASN A 122 6.88 -2.52 -1.05
N VAL A 123 7.91 -2.26 -0.30
CA VAL A 123 8.86 -1.24 -0.56
C VAL A 123 10.22 -1.72 -0.44
N GLN A 124 11.05 -1.08 -1.21
CA GLN A 124 12.40 -1.56 -1.46
C GLN A 124 13.36 -0.45 -1.06
N CYS A 125 13.66 -0.48 0.20
CA CYS A 125 14.43 0.52 0.89
C CYS A 125 15.70 -0.10 1.55
N CYS A 126 16.62 0.78 1.88
CA CYS A 126 17.94 0.48 2.36
C CYS A 126 18.13 0.51 3.87
N GLU A 127 18.27 -0.65 4.48
CA GLU A 127 18.43 -0.89 5.92
C GLU A 127 19.64 -1.77 6.33
N CYS A 128 20.34 -1.49 7.46
CA CYS A 128 21.41 -2.34 7.91
C CYS A 128 20.95 -3.44 8.95
N VAL A 129 21.64 -4.68 8.91
CA VAL A 129 21.44 -5.80 9.87
C VAL A 129 22.72 -6.30 10.50
CA CA B . -3.83 -2.36 4.25
N SER A 30 28.20 8.66 12.50
CA SER A 30 26.83 8.92 11.89
C SER A 30 26.54 8.19 10.49
N PRO A 31 27.50 8.26 9.46
CA PRO A 31 27.25 7.66 8.15
C PRO A 31 27.45 6.13 8.01
N CYS A 32 26.35 5.39 8.08
CA CYS A 32 26.34 3.96 7.84
C CYS A 32 26.00 3.73 6.36
N VAL A 33 25.93 2.46 5.93
CA VAL A 33 25.70 2.14 4.52
C VAL A 33 24.49 1.16 4.32
N PRO A 34 23.26 1.68 4.12
CA PRO A 34 22.12 0.83 3.96
C PRO A 34 22.13 -0.05 2.71
N LEU A 35 21.36 -1.14 2.77
CA LEU A 35 21.21 -2.12 1.68
C LEU A 35 19.78 -2.11 1.13
N CYS A 36 19.63 -1.82 -0.15
CA CYS A 36 18.33 -1.66 -0.76
C CYS A 36 17.64 -2.99 -1.12
N ASN A 37 16.66 -3.34 -0.30
CA ASN A 37 15.92 -4.61 -0.42
C ASN A 37 14.41 -4.45 -0.34
N TRP A 38 13.68 -5.36 -0.99
CA TRP A 38 12.19 -5.34 -0.90
C TRP A 38 11.81 -5.94 0.45
N THR A 39 11.11 -5.18 1.26
CA THR A 39 10.69 -5.59 2.60
C THR A 39 9.73 -6.76 2.68
N GLY A 40 9.19 -7.11 1.51
CA GLY A 40 8.23 -8.20 1.45
C GLY A 40 6.89 -7.52 1.53
N TRP A 41 5.91 -8.26 1.12
CA TRP A 41 4.53 -7.87 1.18
C TRP A 41 4.16 -7.97 2.66
N LEU A 42 3.93 -6.86 3.30
CA LEU A 42 3.52 -6.89 4.75
C LEU A 42 2.57 -5.83 5.32
N ASP A 43 1.36 -6.25 5.49
CA ASP A 43 0.39 -5.42 6.13
C ASP A 43 -0.92 -6.11 6.45
N SER A 44 -1.31 -6.07 7.72
CA SER A 44 -2.65 -6.52 8.12
C SER A 44 -3.57 -5.30 8.28
N GLY A 45 -4.55 -5.14 7.40
CA GLY A 45 -5.45 -4.00 7.49
C GLY A 45 -4.72 -2.67 7.47
N LYS A 46 -4.81 -1.96 8.59
CA LYS A 46 -4.01 -0.74 8.85
C LYS A 46 -4.20 -0.25 10.30
N PRO A 47 -3.56 -0.91 11.28
CA PRO A 47 -3.79 -0.46 12.66
C PRO A 47 -3.17 0.90 12.98
N ASN A 48 -2.21 1.32 12.17
CA ASN A 48 -1.53 2.60 12.39
C ASN A 48 -2.45 3.81 12.28
N PHE A 49 -3.44 3.73 11.39
CA PHE A 49 -4.35 4.86 11.17
C PHE A 49 -5.85 4.55 11.22
N HIS A 50 -6.23 3.34 10.82
CA HIS A 50 -7.64 2.91 10.78
C HIS A 50 -8.55 3.94 10.08
N LYS A 51 -8.09 4.52 8.99
CA LYS A 51 -8.87 5.52 8.27
C LYS A 51 -10.08 4.87 7.61
N PRO A 52 -11.24 5.56 7.58
CA PRO A 52 -12.47 4.95 7.05
C PRO A 52 -12.56 4.79 5.54
N GLY A 53 -11.51 5.15 4.79
CA GLY A 53 -11.56 5.04 3.35
C GLY A 53 -11.30 3.56 2.98
N GLY A 54 -10.82 2.73 3.88
CA GLY A 54 -10.54 1.35 3.76
C GLY A 54 -9.08 1.01 3.60
N ASP A 55 -8.13 1.88 3.15
CA ASP A 55 -6.71 1.62 3.43
C ASP A 55 -5.82 2.90 3.22
N THR A 56 -4.77 2.99 3.98
CA THR A 56 -3.80 4.07 3.86
C THR A 56 -2.40 3.61 4.25
N GLU A 57 -1.55 3.28 3.28
CA GLU A 57 -0.21 2.80 3.62
C GLU A 57 0.85 3.89 3.34
N LEU A 58 1.22 4.70 4.33
CA LEU A 58 2.12 5.83 4.22
C LEU A 58 3.61 5.40 4.27
N ILE A 59 4.37 5.83 3.26
CA ILE A 59 5.83 5.50 3.09
C ILE A 59 6.75 6.37 3.85
N GLY A 60 6.50 7.67 3.82
CA GLY A 60 7.44 8.66 4.29
C GLY A 60 7.92 8.56 5.70
N ASP A 61 7.08 8.04 6.58
CA ASP A 61 7.42 7.89 8.01
C ASP A 61 7.84 6.45 8.33
N VAL A 62 8.04 5.61 7.30
CA VAL A 62 8.18 4.17 7.47
C VAL A 62 9.61 3.53 7.45
N CYS A 63 10.31 3.51 6.34
CA CYS A 63 11.57 2.75 6.25
C CYS A 63 12.94 3.48 6.12
N GLY A 64 13.02 4.41 5.19
CA GLY A 64 14.25 5.14 4.95
C GLY A 64 14.07 6.43 4.17
N PRO A 65 13.43 7.43 4.76
CA PRO A 65 13.27 8.66 3.96
C PRO A 65 14.51 9.49 3.74
N GLY A 66 14.55 10.19 2.61
CA GLY A 66 15.70 10.98 2.23
C GLY A 66 16.27 10.50 0.91
N TRP A 67 15.84 9.36 0.45
CA TRP A 67 16.24 8.83 -0.83
C TRP A 67 15.05 8.20 -1.49
N ALA A 68 15.27 7.68 -2.68
CA ALA A 68 14.17 7.22 -3.53
C ALA A 68 14.09 5.66 -3.43
N ALA A 69 13.10 5.25 -2.66
CA ALA A 69 12.82 3.86 -2.38
C ALA A 69 11.65 3.45 -3.30
N ASN A 70 11.53 2.18 -3.62
CA ASN A 70 10.44 1.73 -4.58
C ASN A 70 9.22 1.21 -3.81
N ILE A 71 8.06 1.21 -4.45
CA ILE A 71 6.89 0.70 -3.87
C ILE A 71 6.13 -0.12 -4.88
N SER A 72 5.42 -1.07 -4.34
CA SER A 72 4.48 -1.88 -5.09
C SER A 72 3.23 -2.03 -4.27
N CYS A 73 2.12 -1.69 -4.84
CA CYS A 73 0.76 -1.74 -4.20
C CYS A 73 -0.18 -2.79 -4.82
N ARG A 74 -0.67 -3.75 -4.02
CA ARG A 74 -1.71 -4.67 -4.51
C ARG A 74 -2.50 -5.35 -3.39
N ALA A 75 -3.57 -6.02 -3.80
CA ALA A 75 -4.43 -6.77 -2.88
C ALA A 75 -3.88 -8.17 -2.66
N THR A 76 -4.04 -8.72 -1.47
CA THR A 76 -3.58 -10.09 -1.18
C THR A 76 -4.17 -11.13 -2.15
N MET A 77 -5.44 -10.95 -2.49
CA MET A 77 -6.14 -11.89 -3.40
C MET A 77 -5.92 -11.54 -4.87
N TYR A 78 -5.29 -10.40 -5.11
CA TYR A 78 -4.98 -9.95 -6.47
C TYR A 78 -3.46 -9.64 -6.48
N PRO A 79 -2.59 -10.61 -6.30
CA PRO A 79 -1.17 -10.34 -6.18
C PRO A 79 -0.55 -9.87 -7.49
N ASP A 80 -1.24 -10.17 -8.60
CA ASP A 80 -0.74 -9.87 -9.96
C ASP A 80 -1.46 -8.66 -10.57
N VAL A 81 -2.59 -8.25 -10.00
CA VAL A 81 -3.38 -7.19 -10.60
C VAL A 81 -3.32 -5.88 -9.79
N PRO A 82 -2.90 -4.77 -10.38
CA PRO A 82 -2.93 -3.54 -9.57
C PRO A 82 -4.36 -3.15 -9.17
N ILE A 83 -4.53 -2.66 -7.95
CA ILE A 83 -5.80 -2.42 -7.40
C ILE A 83 -6.64 -1.44 -8.29
N GLY A 84 -6.10 -0.38 -8.92
CA GLY A 84 -6.91 0.41 -9.92
C GLY A 84 -7.49 -0.45 -11.03
N GLN A 85 -6.80 -1.52 -11.42
CA GLN A 85 -7.31 -2.37 -12.46
C GLN A 85 -8.45 -3.28 -12.10
N LEU A 86 -8.65 -3.53 -10.83
CA LEU A 86 -9.79 -4.45 -10.47
C LEU A 86 -11.07 -3.63 -10.33
N GLY A 87 -10.99 -2.36 -10.68
CA GLY A 87 -12.14 -1.51 -10.67
C GLY A 87 -12.32 -0.78 -9.34
N GLN A 88 -11.23 -0.63 -8.64
CA GLN A 88 -11.19 0.06 -7.36
C GLN A 88 -10.69 1.48 -7.59
N THR A 89 -11.09 2.41 -6.74
CA THR A 89 -10.60 3.78 -6.83
C THR A 89 -9.75 4.07 -5.68
N VAL A 90 -8.50 4.04 -6.06
CA VAL A 90 -7.39 4.08 -5.19
C VAL A 90 -6.36 4.96 -5.85
N VAL A 91 -5.48 5.45 -5.03
CA VAL A 91 -4.31 6.21 -5.45
C VAL A 91 -3.16 5.74 -4.58
N CYS A 92 -2.32 4.86 -5.11
CA CYS A 92 -1.12 4.47 -4.37
C CYS A 92 0.03 5.23 -5.09
N ASP A 93 0.45 6.33 -4.47
CA ASP A 93 1.45 7.21 -5.06
C ASP A 93 2.85 7.01 -4.49
N VAL A 94 3.85 6.90 -5.36
CA VAL A 94 5.25 6.73 -4.94
C VAL A 94 5.70 7.76 -3.87
N SER A 95 5.27 8.97 -4.04
CA SER A 95 5.70 10.06 -3.14
C SER A 95 4.93 10.13 -1.81
N VAL A 96 3.81 9.42 -1.70
CA VAL A 96 2.98 9.52 -0.51
C VAL A 96 2.57 8.18 0.15
N GLY A 97 2.40 7.15 -0.65
CA GLY A 97 1.90 5.88 -0.14
C GLY A 97 0.55 5.56 -0.72
N LEU A 98 -0.01 4.47 -0.25
CA LEU A 98 -1.31 3.99 -0.72
C LEU A 98 -2.47 4.72 -0.04
N ILE A 99 -3.42 5.15 -0.86
CA ILE A 99 -4.64 5.81 -0.43
C ILE A 99 -5.87 5.10 -1.07
N CYS A 100 -6.46 4.11 -0.40
CA CYS A 100 -7.73 3.53 -0.84
C CYS A 100 -8.86 4.10 0.00
N LYS A 101 -9.74 4.77 -0.71
CA LYS A 101 -10.90 5.49 -0.13
C LYS A 101 -12.20 5.27 -0.82
N ASN A 102 -13.01 4.45 -0.24
CA ASN A 102 -14.38 4.26 -0.79
C ASN A 102 -15.21 5.51 -0.47
N GLU A 103 -15.85 6.08 -1.48
CA GLU A 103 -16.78 7.19 -1.25
C GLU A 103 -18.18 6.65 -1.03
N ASP A 104 -18.61 5.79 -1.93
CA ASP A 104 -19.91 5.14 -1.85
C ASP A 104 -19.72 3.77 -1.22
N GLN A 105 -20.73 3.28 -0.52
CA GLN A 105 -20.65 2.00 0.16
C GLN A 105 -20.76 0.85 -0.84
N LYS A 106 -19.81 -0.08 -0.78
CA LYS A 106 -19.80 -1.24 -1.66
C LYS A 106 -19.82 -2.49 -0.80
N PRO A 107 -21.01 -3.03 -0.48
CA PRO A 107 -21.01 -4.22 0.38
C PRO A 107 -20.56 -5.51 -0.33
N GLY A 108 -20.45 -5.46 -1.66
CA GLY A 108 -20.03 -6.61 -2.42
C GLY A 108 -20.65 -6.58 -3.80
N GLY A 109 -20.49 -7.67 -4.55
CA GLY A 109 -21.08 -7.80 -5.87
C GLY A 109 -20.03 -7.98 -6.94
N VAL A 110 -19.40 -6.89 -7.35
CA VAL A 110 -18.35 -6.94 -8.37
C VAL A 110 -17.09 -7.63 -7.81
N ILE A 111 -17.00 -7.65 -6.48
CA ILE A 111 -15.89 -8.23 -5.77
C ILE A 111 -16.56 -9.10 -4.68
N PRO A 112 -16.03 -10.33 -4.41
CA PRO A 112 -16.69 -11.17 -3.38
C PRO A 112 -16.32 -10.79 -1.94
N MET A 113 -16.28 -9.50 -1.67
CA MET A 113 -15.89 -8.98 -0.36
C MET A 113 -16.54 -7.62 -0.24
N ALA A 114 -16.47 -7.04 0.94
CA ALA A 114 -16.93 -5.69 1.20
C ALA A 114 -15.93 -4.71 0.59
N PHE A 115 -16.21 -3.43 0.75
CA PHE A 115 -15.33 -2.33 0.32
C PHE A 115 -13.89 -2.56 0.75
N CYS A 116 -12.98 -1.91 0.01
CA CYS A 116 -11.51 -2.03 0.16
C CYS A 116 -11.03 -3.15 1.09
N LEU A 117 -10.90 -4.33 0.48
CA LEU A 117 -10.36 -5.46 1.20
C LEU A 117 -8.91 -5.09 1.33
N ASN A 118 -8.28 -5.46 2.44
CA ASN A 118 -6.93 -4.96 2.71
C ASN A 118 -5.91 -5.12 1.59
N TYR A 119 -5.29 -3.99 1.29
CA TYR A 119 -4.28 -3.93 0.29
C TYR A 119 -2.95 -3.83 1.04
N GLU A 120 -1.92 -4.32 0.40
CA GLU A 120 -0.59 -4.40 0.97
C GLU A 120 0.39 -3.69 0.11
N ILE A 121 1.44 -3.30 0.70
CA ILE A 121 2.50 -2.72 -0.02
C ILE A 121 3.73 -3.44 0.24
N ASN A 122 4.61 -3.32 -0.80
CA ASN A 122 6.02 -3.94 -0.74
C ASN A 122 6.73 -2.76 -1.01
N VAL A 123 7.76 -2.44 -0.27
CA VAL A 123 8.61 -1.32 -0.52
C VAL A 123 10.05 -1.71 -0.50
N GLN A 124 10.82 -1.02 -1.26
CA GLN A 124 12.20 -1.38 -1.51
C GLN A 124 12.98 -0.17 -1.01
N CYS A 125 13.22 -0.19 0.26
CA CYS A 125 13.96 0.82 0.97
C CYS A 125 15.32 0.19 1.32
N CYS A 126 16.24 1.04 1.75
CA CYS A 126 17.62 0.66 1.99
C CYS A 126 17.86 0.57 3.54
N GLU A 127 18.21 -0.62 4.04
CA GLU A 127 18.35 -0.89 5.50
C GLU A 127 19.78 -1.28 5.97
N CYS A 128 20.14 -0.84 7.18
CA CYS A 128 21.49 -1.01 7.76
C CYS A 128 21.42 -1.82 9.11
N VAL A 129 22.27 -2.95 9.24
CA VAL A 129 22.33 -3.85 10.46
C VAL A 129 23.72 -4.06 10.98
CA CA B . -3.40 -2.41 4.14
N SER A 30 28.77 7.80 13.04
CA SER A 30 28.77 6.28 12.94
C SER A 30 27.79 5.70 11.84
N PRO A 31 28.14 5.93 10.50
CA PRO A 31 27.33 5.46 9.38
C PRO A 31 27.56 4.00 8.94
N CYS A 32 26.54 3.44 8.30
CA CYS A 32 26.55 2.09 7.74
C CYS A 32 26.30 2.21 6.22
N VAL A 33 26.27 1.08 5.52
CA VAL A 33 26.11 1.05 4.05
C VAL A 33 24.89 0.18 3.64
N PRO A 34 23.70 0.81 3.52
CA PRO A 34 22.44 0.10 3.19
C PRO A 34 22.39 -0.73 1.91
N LEU A 35 21.42 -1.64 1.87
CA LEU A 35 21.18 -2.51 0.71
C LEU A 35 19.72 -2.43 0.26
N CYS A 36 19.51 -2.04 -0.98
CA CYS A 36 18.18 -1.80 -1.52
C CYS A 36 17.47 -3.10 -1.92
N ASN A 37 16.60 -3.54 -1.04
CA ASN A 37 15.81 -4.78 -1.21
C ASN A 37 14.32 -4.56 -0.94
N TRP A 38 13.47 -5.42 -1.49
CA TRP A 38 12.02 -5.28 -1.24
C TRP A 38 11.75 -5.79 0.18
N THR A 39 11.12 -4.94 0.99
CA THR A 39 10.74 -5.21 2.37
C THR A 39 9.81 -6.41 2.53
N GLY A 40 9.12 -6.75 1.45
CA GLY A 40 8.19 -7.83 1.47
C GLY A 40 6.85 -7.18 1.66
N TRP A 41 5.81 -7.85 1.20
CA TRP A 41 4.47 -7.35 1.25
C TRP A 41 4.09 -7.15 2.70
N LEU A 42 3.91 -5.91 3.09
CA LEU A 42 3.62 -5.54 4.48
C LEU A 42 2.63 -4.38 4.46
N ASP A 43 2.06 -4.08 5.60
CA ASP A 43 0.97 -3.15 5.65
C ASP A 43 0.64 -2.64 7.08
N SER A 44 -0.03 -1.50 7.15
CA SER A 44 -0.63 -1.02 8.37
C SER A 44 -2.10 -1.41 8.22
N GLY A 45 -2.56 -2.39 8.99
CA GLY A 45 -3.96 -2.78 8.91
C GLY A 45 -4.34 -3.72 7.77
N LYS A 46 -4.19 -5.02 8.02
CA LYS A 46 -4.60 -6.11 7.09
C LYS A 46 -4.83 -7.47 7.78
N PRO A 47 -3.90 -7.96 8.64
CA PRO A 47 -4.18 -9.32 9.17
C PRO A 47 -5.33 -9.40 10.20
N ASN A 48 -5.03 -9.26 11.47
CA ASN A 48 -6.05 -9.26 12.52
C ASN A 48 -6.53 -7.84 12.75
N PHE A 49 -6.00 -6.93 11.93
CA PHE A 49 -6.32 -5.52 11.97
C PHE A 49 -7.08 -5.07 10.73
N HIS A 50 -7.49 -6.06 9.94
CA HIS A 50 -8.20 -5.85 8.67
C HIS A 50 -9.14 -4.64 8.63
N LYS A 51 -8.66 -3.54 8.07
CA LYS A 51 -9.45 -2.31 7.99
C LYS A 51 -10.52 -2.52 6.91
N PRO A 52 -11.81 -2.41 7.26
CA PRO A 52 -12.83 -2.60 6.22
C PRO A 52 -13.04 -1.34 5.36
N GLY A 53 -12.18 -1.20 4.35
CA GLY A 53 -12.22 -0.06 3.45
C GLY A 53 -11.63 1.23 4.03
N GLY A 54 -11.16 2.16 3.18
CA GLY A 54 -10.65 3.37 3.76
C GLY A 54 -9.29 3.27 4.38
N ASP A 55 -8.43 2.50 3.80
CA ASP A 55 -7.16 2.08 4.46
C ASP A 55 -5.98 2.73 3.75
N THR A 56 -4.92 3.00 4.53
CA THR A 56 -3.83 3.84 4.09
C THR A 56 -2.51 3.23 4.46
N GLU A 57 -1.65 2.97 3.48
CA GLU A 57 -0.35 2.38 3.73
C GLU A 57 0.77 3.39 3.44
N LEU A 58 1.21 4.16 4.44
CA LEU A 58 2.16 5.25 4.26
C LEU A 58 3.62 4.79 4.30
N ILE A 59 4.41 5.16 3.31
CA ILE A 59 5.81 4.82 3.25
C ILE A 59 6.74 5.82 3.90
N GLY A 60 6.23 7.01 4.06
CA GLY A 60 7.01 8.14 4.57
C GLY A 60 7.71 7.91 5.91
N ASP A 61 7.06 7.19 6.81
CA ASP A 61 7.61 6.89 8.13
C ASP A 61 8.21 5.48 8.17
N VAL A 62 7.97 4.71 7.10
CA VAL A 62 8.31 3.29 7.07
C VAL A 62 9.59 2.85 6.35
N CYS A 63 9.84 3.42 5.18
CA CYS A 63 10.87 2.90 4.28
C CYS A 63 12.31 3.47 4.35
N GLY A 64 12.45 4.79 4.34
CA GLY A 64 13.79 5.37 4.35
C GLY A 64 13.85 6.70 3.62
N PRO A 65 13.40 7.79 4.26
CA PRO A 65 13.43 9.04 3.50
C PRO A 65 14.82 9.59 3.22
N GLY A 66 14.93 10.28 2.10
CA GLY A 66 16.21 10.81 1.67
C GLY A 66 16.62 10.27 0.30
N TRP A 67 16.02 9.19 -0.12
CA TRP A 67 16.22 8.65 -1.47
C TRP A 67 14.88 8.20 -1.97
N ALA A 68 14.89 7.68 -3.19
CA ALA A 68 13.68 7.27 -3.86
C ALA A 68 13.69 5.74 -4.01
N ALA A 69 12.82 5.11 -3.23
CA ALA A 69 12.66 3.67 -3.16
C ALA A 69 11.47 3.30 -3.99
N ASN A 70 11.32 2.01 -4.34
CA ASN A 70 10.14 1.61 -5.21
C ASN A 70 9.04 0.95 -4.49
N ILE A 71 7.81 1.42 -4.64
CA ILE A 71 6.62 0.90 -4.03
C ILE A 71 5.87 0.06 -5.03
N SER A 72 5.21 -0.93 -4.51
CA SER A 72 4.22 -1.67 -5.27
C SER A 72 3.01 -1.86 -4.36
N CYS A 73 1.82 -1.48 -4.78
CA CYS A 73 0.56 -1.77 -4.07
C CYS A 73 -0.14 -3.00 -4.61
N ARG A 74 -0.73 -3.76 -3.71
CA ARG A 74 -1.61 -4.87 -4.16
C ARG A 74 -2.66 -5.23 -3.12
N ALA A 75 -3.72 -5.88 -3.54
CA ALA A 75 -4.77 -6.32 -2.66
C ALA A 75 -4.47 -7.70 -2.14
N THR A 76 -4.97 -7.99 -0.95
CA THR A 76 -4.68 -9.28 -0.31
C THR A 76 -5.23 -10.47 -1.07
N MET A 77 -6.24 -10.23 -1.90
CA MET A 77 -6.86 -11.28 -2.72
C MET A 77 -6.37 -11.26 -4.17
N TYR A 78 -5.59 -10.25 -4.52
CA TYR A 78 -5.06 -10.09 -5.88
C TYR A 78 -3.52 -9.93 -5.74
N PRO A 79 -2.78 -10.98 -5.38
CA PRO A 79 -1.34 -10.83 -5.15
C PRO A 79 -0.57 -10.61 -6.44
N ASP A 80 -1.23 -10.86 -7.57
CA ASP A 80 -0.61 -10.77 -8.91
C ASP A 80 -1.00 -9.48 -9.63
N VAL A 81 -2.15 -8.91 -9.29
CA VAL A 81 -2.63 -7.73 -9.97
C VAL A 81 -2.56 -6.38 -9.21
N PRO A 82 -2.03 -5.29 -9.80
CA PRO A 82 -2.06 -4.01 -9.09
C PRO A 82 -3.53 -3.58 -8.91
N ILE A 83 -3.80 -2.93 -7.78
CA ILE A 83 -5.13 -2.46 -7.43
C ILE A 83 -5.84 -1.64 -8.56
N GLY A 84 -5.13 -0.75 -9.15
CA GLY A 84 -5.63 -0.02 -10.32
C GLY A 84 -6.15 -0.95 -11.40
N GLN A 85 -5.49 -2.05 -11.66
CA GLN A 85 -5.94 -2.97 -12.68
C GLN A 85 -7.18 -3.82 -12.37
N LEU A 86 -7.52 -3.98 -11.12
CA LEU A 86 -8.69 -4.81 -10.80
C LEU A 86 -9.97 -3.93 -10.87
N GLY A 87 -9.74 -2.66 -11.21
CA GLY A 87 -10.79 -1.71 -11.36
C GLY A 87 -11.08 -1.02 -10.02
N GLN A 88 -10.08 -0.94 -9.18
CA GLN A 88 -10.21 -0.28 -7.88
C GLN A 88 -9.71 1.13 -8.08
N THR A 89 -10.40 2.11 -7.52
CA THR A 89 -9.98 3.49 -7.64
C THR A 89 -9.24 3.85 -6.37
N VAL A 90 -7.93 3.86 -6.45
CA VAL A 90 -7.02 4.15 -5.27
C VAL A 90 -6.04 5.16 -5.82
N VAL A 91 -5.48 5.70 -4.77
CA VAL A 91 -4.24 6.55 -4.94
C VAL A 91 -3.18 5.74 -4.17
N CYS A 92 -2.37 5.03 -4.94
CA CYS A 92 -1.22 4.32 -4.36
C CYS A 92 -0.17 5.18 -5.05
N ASP A 93 0.33 6.14 -4.27
CA ASP A 93 1.39 7.07 -4.77
C ASP A 93 2.81 6.79 -4.37
N VAL A 94 3.78 6.95 -5.25
CA VAL A 94 5.19 6.84 -4.89
C VAL A 94 5.54 7.87 -3.81
N SER A 95 4.96 9.01 -3.93
CA SER A 95 5.27 10.12 -3.00
C SER A 95 4.68 9.94 -1.58
N VAL A 96 3.58 9.22 -1.45
CA VAL A 96 2.94 9.05 -0.09
C VAL A 96 2.63 7.66 0.37
N GLY A 97 2.33 6.80 -0.52
CA GLY A 97 2.00 5.45 -0.16
C GLY A 97 0.57 5.24 -0.61
N LEU A 98 -0.08 4.18 -0.09
CA LEU A 98 -1.43 3.84 -0.55
C LEU A 98 -2.49 4.54 0.26
N ILE A 99 -3.52 4.95 -0.44
CA ILE A 99 -4.65 5.67 0.03
C ILE A 99 -5.81 5.03 -0.75
N CYS A 100 -6.48 3.99 -0.21
CA CYS A 100 -7.64 3.45 -0.95
C CYS A 100 -8.76 3.86 -0.03
N LYS A 101 -9.57 4.81 -0.52
CA LYS A 101 -10.70 5.29 0.20
C LYS A 101 -11.86 5.46 -0.74
N ASN A 102 -12.77 4.49 -0.72
CA ASN A 102 -14.00 4.58 -1.47
C ASN A 102 -15.03 5.04 -0.45
N GLU A 103 -15.50 6.27 -0.60
CA GLU A 103 -16.47 6.85 0.34
C GLU A 103 -17.94 6.60 -0.03
N ASP A 104 -18.25 6.68 -1.31
CA ASP A 104 -19.62 6.50 -1.80
C ASP A 104 -20.07 5.04 -1.82
N GLN A 105 -21.36 4.79 -1.98
CA GLN A 105 -21.82 3.41 -2.09
C GLN A 105 -21.40 2.89 -3.47
N LYS A 106 -20.60 1.83 -3.48
CA LYS A 106 -20.09 1.29 -4.76
C LYS A 106 -21.26 0.84 -5.65
N PRO A 107 -21.16 1.10 -6.97
CA PRO A 107 -22.30 0.83 -7.87
C PRO A 107 -22.57 -0.63 -8.25
N GLY A 108 -21.79 -1.60 -7.76
CA GLY A 108 -22.07 -2.97 -8.14
C GLY A 108 -21.19 -4.02 -7.49
N GLY A 109 -21.50 -5.27 -7.80
CA GLY A 109 -20.79 -6.42 -7.23
C GLY A 109 -19.77 -6.99 -8.19
N VAL A 110 -19.19 -6.14 -9.03
CA VAL A 110 -18.17 -6.56 -10.00
C VAL A 110 -16.95 -7.05 -9.22
N ILE A 111 -16.74 -6.47 -8.05
CA ILE A 111 -15.68 -6.85 -7.16
C ILE A 111 -16.39 -7.74 -6.13
N PRO A 112 -15.85 -8.95 -5.84
CA PRO A 112 -16.55 -9.89 -4.94
C PRO A 112 -16.41 -9.57 -3.44
N MET A 113 -16.32 -8.30 -3.10
CA MET A 113 -16.12 -7.88 -1.74
C MET A 113 -16.67 -6.46 -1.58
N ALA A 114 -16.54 -5.92 -0.38
CA ALA A 114 -16.93 -4.57 -0.07
C ALA A 114 -15.83 -3.61 -0.58
N PHE A 115 -16.06 -2.33 -0.36
CA PHE A 115 -15.11 -1.27 -0.69
C PHE A 115 -13.69 -1.51 -0.16
N CYS A 116 -12.73 -0.89 -0.82
CA CYS A 116 -11.29 -0.97 -0.53
C CYS A 116 -10.93 -2.23 0.30
N LEU A 117 -11.01 -3.36 -0.34
CA LEU A 117 -10.71 -4.66 0.28
C LEU A 117 -9.24 -4.62 0.55
N ASN A 118 -8.85 -4.90 1.78
CA ASN A 118 -7.53 -4.58 2.19
C ASN A 118 -6.34 -5.04 1.31
N TYR A 119 -5.38 -4.14 1.35
CA TYR A 119 -4.22 -4.14 0.60
C TYR A 119 -2.99 -3.92 1.44
N GLU A 120 -1.92 -4.01 0.68
CA GLU A 120 -0.60 -4.00 1.15
C GLU A 120 0.29 -3.29 0.21
N ILE A 121 1.47 -2.93 0.69
CA ILE A 121 2.45 -2.39 -0.11
C ILE A 121 3.70 -3.14 0.04
N ASN A 122 4.57 -2.94 -0.95
CA ASN A 122 5.91 -3.59 -0.97
C ASN A 122 6.72 -2.40 -1.22
N VAL A 123 7.86 -2.27 -0.60
CA VAL A 123 8.72 -1.13 -0.84
C VAL A 123 10.13 -1.63 -0.99
N GLN A 124 10.89 -1.03 -1.89
CA GLN A 124 12.26 -1.53 -2.17
C GLN A 124 13.23 -0.41 -1.73
N CYS A 125 13.52 -0.42 -0.46
CA CYS A 125 14.36 0.56 0.21
C CYS A 125 15.67 -0.08 0.67
N CYS A 126 16.60 0.82 0.97
CA CYS A 126 17.98 0.49 1.30
C CYS A 126 18.14 0.37 2.86
N GLU A 127 18.45 -0.82 3.38
CA GLU A 127 18.64 -1.03 4.83
C GLU A 127 19.86 -1.95 5.14
N CYS A 128 20.53 -1.71 6.28
CA CYS A 128 21.70 -2.48 6.75
C CYS A 128 21.29 -3.69 7.66
N VAL A 129 22.09 -4.85 7.58
CA VAL A 129 21.89 -6.09 8.41
C VAL A 129 23.10 -6.46 9.24
CA CA B . -3.80 -2.50 4.63
N SER A 30 37.57 2.42 0.06
CA SER A 30 36.63 1.23 0.21
C SER A 30 35.32 1.54 1.05
N PRO A 31 34.35 2.30 0.39
CA PRO A 31 33.06 2.68 1.00
C PRO A 31 31.96 1.61 0.87
N CYS A 32 30.82 1.87 1.50
CA CYS A 32 29.65 1.01 1.42
C CYS A 32 29.13 0.79 0.01
N VAL A 33 28.38 -0.28 -0.12
CA VAL A 33 27.67 -0.64 -1.34
C VAL A 33 26.29 -1.04 -0.83
N PRO A 34 25.35 -0.08 -0.73
CA PRO A 34 24.02 -0.40 -0.18
C PRO A 34 23.28 -1.51 -0.91
N LEU A 35 22.50 -2.25 -0.15
CA LEU A 35 21.66 -3.33 -0.67
C LEU A 35 20.20 -2.93 -0.50
N CYS A 36 19.58 -2.46 -1.58
CA CYS A 36 18.19 -2.04 -1.53
C CYS A 36 17.29 -3.26 -1.62
N ASN A 37 16.69 -3.60 -0.49
CA ASN A 37 15.91 -4.81 -0.32
C ASN A 37 14.45 -4.48 -0.18
N TRP A 38 13.61 -5.27 -0.82
CA TRP A 38 12.16 -5.10 -0.68
C TRP A 38 11.74 -5.85 0.56
N THR A 39 10.98 -5.19 1.43
CA THR A 39 10.55 -5.78 2.69
C THR A 39 9.67 -7.01 2.52
N GLY A 40 9.07 -7.11 1.34
CA GLY A 40 8.15 -8.18 1.08
C GLY A 40 6.81 -7.53 1.35
N TRP A 41 5.79 -8.11 0.74
CA TRP A 41 4.42 -7.67 0.81
C TRP A 41 4.05 -7.77 2.28
N LEU A 42 3.71 -6.67 2.93
CA LEU A 42 3.27 -6.71 4.35
C LEU A 42 2.31 -5.62 4.65
N ASP A 43 1.40 -5.96 5.55
CA ASP A 43 0.32 -5.14 5.88
C ASP A 43 -0.55 -5.73 7.01
N SER A 44 -0.84 -4.96 8.05
CA SER A 44 -1.94 -5.33 8.94
C SER A 44 -3.13 -4.48 8.55
N GLY A 45 -4.16 -5.08 7.94
CA GLY A 45 -5.38 -4.35 7.55
C GLY A 45 -5.16 -2.88 7.25
N LYS A 46 -5.76 -2.04 8.10
CA LYS A 46 -5.38 -0.63 8.28
C LYS A 46 -6.20 0.07 9.36
N PRO A 47 -5.63 0.29 10.56
CA PRO A 47 -6.44 1.04 11.52
C PRO A 47 -6.53 2.52 11.15
N ASN A 48 -7.59 3.18 11.60
CA ASN A 48 -7.84 4.59 11.28
C ASN A 48 -6.87 5.56 11.97
N PHE A 49 -5.83 5.05 12.61
CA PHE A 49 -4.84 5.90 13.27
C PHE A 49 -4.10 6.76 12.26
N HIS A 50 -3.97 6.25 11.03
CA HIS A 50 -3.28 6.98 9.97
C HIS A 50 -4.24 7.97 9.30
N LYS A 51 -5.08 7.48 8.40
CA LYS A 51 -6.08 8.31 7.69
C LYS A 51 -7.28 7.41 7.41
N PRO A 52 -8.51 7.97 7.36
CA PRO A 52 -9.65 7.13 6.99
C PRO A 52 -9.73 6.90 5.47
N GLY A 53 -10.44 5.87 5.04
CA GLY A 53 -10.57 5.59 3.63
C GLY A 53 -10.80 4.06 3.50
N GLY A 54 -10.21 3.32 4.40
CA GLY A 54 -10.21 1.88 4.40
C GLY A 54 -8.88 1.17 4.09
N ASP A 55 -7.90 1.74 3.34
CA ASP A 55 -6.55 1.19 3.43
C ASP A 55 -5.52 2.24 3.03
N THR A 56 -4.86 2.83 3.98
CA THR A 56 -3.88 3.89 3.72
C THR A 56 -2.49 3.53 4.25
N GLU A 57 -1.63 3.10 3.35
CA GLU A 57 -0.35 2.51 3.66
C GLU A 57 0.76 3.43 3.26
N LEU A 58 1.22 4.33 4.16
CA LEU A 58 2.21 5.40 3.85
C LEU A 58 3.70 5.04 4.04
N ILE A 59 4.51 5.11 2.98
CA ILE A 59 5.94 4.98 3.04
C ILE A 59 6.53 6.20 3.69
N GLY A 60 5.76 7.27 3.64
CA GLY A 60 6.15 8.52 4.26
C GLY A 60 6.27 8.41 5.76
N ASP A 61 5.59 7.43 6.34
CA ASP A 61 5.63 7.20 7.78
C ASP A 61 6.87 6.37 8.15
N VAL A 62 7.29 5.45 7.27
CA VAL A 62 8.38 4.52 7.51
C VAL A 62 9.75 4.92 6.88
N CYS A 63 9.84 4.85 5.56
CA CYS A 63 11.11 4.95 4.84
C CYS A 63 11.38 6.38 4.35
N GLY A 64 10.38 7.22 4.53
CA GLY A 64 10.46 8.59 4.04
C GLY A 64 11.65 9.40 4.52
N PRO A 65 12.09 9.30 5.79
CA PRO A 65 13.20 10.21 6.07
C PRO A 65 14.60 9.64 5.74
N GLY A 66 15.22 10.18 4.69
CA GLY A 66 16.59 9.95 4.41
C GLY A 66 16.61 9.32 3.03
N TRP A 67 15.54 8.60 2.67
CA TRP A 67 15.50 7.83 1.46
C TRP A 67 14.48 8.18 0.40
N ALA A 68 14.83 7.66 -0.76
CA ALA A 68 13.99 7.65 -1.95
C ALA A 68 14.17 6.31 -2.61
N ALA A 69 13.22 5.44 -2.37
CA ALA A 69 13.25 4.07 -2.90
C ALA A 69 11.82 3.72 -3.31
N ASN A 70 11.62 2.49 -3.82
CA ASN A 70 10.36 2.18 -4.50
C ASN A 70 9.30 1.40 -3.71
N ILE A 71 8.06 1.85 -3.84
CA ILE A 71 6.88 1.17 -3.34
C ILE A 71 6.28 0.32 -4.42
N SER A 72 5.51 -0.59 -3.98
CA SER A 72 4.58 -1.34 -4.84
C SER A 72 3.33 -1.58 -4.06
N CYS A 73 2.19 -1.17 -4.57
CA CYS A 73 0.91 -1.31 -3.89
C CYS A 73 0.00 -2.37 -4.60
N ARG A 74 -0.50 -3.34 -3.92
CA ARG A 74 -1.32 -4.43 -4.52
C ARG A 74 -2.32 -4.96 -3.51
N ALA A 75 -3.15 -5.89 -3.94
CA ALA A 75 -4.18 -6.52 -3.10
C ALA A 75 -3.70 -7.86 -2.63
N THR A 76 -4.02 -8.20 -1.38
CA THR A 76 -3.65 -9.51 -0.81
C THR A 76 -4.36 -10.64 -1.56
N MET A 77 -5.48 -10.31 -2.20
CA MET A 77 -6.24 -11.28 -3.01
C MET A 77 -5.76 -11.30 -4.44
N TYR A 78 -5.04 -10.26 -4.83
CA TYR A 78 -4.56 -10.09 -6.22
C TYR A 78 -3.12 -9.57 -6.24
N PRO A 79 -2.13 -10.41 -5.89
CA PRO A 79 -0.77 -9.88 -5.86
C PRO A 79 -0.23 -9.63 -7.26
N ASP A 80 -0.92 -10.20 -8.25
CA ASP A 80 -0.55 -10.08 -9.65
C ASP A 80 -1.34 -8.98 -10.40
N VAL A 81 -2.50 -8.58 -9.85
CA VAL A 81 -3.30 -7.60 -10.55
C VAL A 81 -3.27 -6.27 -9.85
N PRO A 82 -2.95 -5.17 -10.58
CA PRO A 82 -2.94 -3.91 -9.82
C PRO A 82 -4.33 -3.54 -9.33
N ILE A 83 -4.42 -2.86 -8.19
CA ILE A 83 -5.62 -2.58 -7.53
C ILE A 83 -6.59 -1.69 -8.43
N GLY A 84 -6.07 -0.71 -9.20
CA GLY A 84 -6.91 -0.06 -10.28
C GLY A 84 -7.58 -1.04 -11.24
N GLN A 85 -6.93 -2.15 -11.58
CA GLN A 85 -7.50 -3.10 -12.48
C GLN A 85 -8.63 -3.97 -11.87
N LEU A 86 -8.70 -4.05 -10.54
CA LEU A 86 -9.81 -4.74 -9.93
C LEU A 86 -11.10 -3.92 -9.96
N GLY A 87 -10.94 -2.73 -10.52
CA GLY A 87 -11.98 -1.82 -10.67
C GLY A 87 -12.13 -0.88 -9.46
N GLN A 88 -11.05 -0.80 -8.73
CA GLN A 88 -10.99 0.00 -7.51
C GLN A 88 -10.37 1.33 -7.85
N THR A 89 -10.83 2.34 -7.12
CA THR A 89 -10.24 3.68 -7.25
C THR A 89 -9.49 3.93 -5.98
N VAL A 90 -8.19 3.74 -6.06
CA VAL A 90 -7.22 3.98 -4.94
C VAL A 90 -6.26 4.98 -5.63
N VAL A 91 -5.61 5.55 -4.74
CA VAL A 91 -4.33 6.28 -5.08
C VAL A 91 -3.20 5.63 -4.37
N CYS A 92 -2.52 4.85 -5.15
CA CYS A 92 -1.32 4.18 -4.66
C CYS A 92 -0.27 5.01 -5.33
N ASP A 93 0.33 5.94 -4.52
CA ASP A 93 1.36 6.86 -5.05
C ASP A 93 2.74 6.50 -4.60
N VAL A 94 3.71 6.50 -5.46
CA VAL A 94 5.10 6.24 -5.07
C VAL A 94 5.57 7.35 -4.13
N SER A 95 5.06 8.53 -4.34
CA SER A 95 5.48 9.71 -3.55
C SER A 95 4.92 9.78 -2.12
N VAL A 96 3.79 9.15 -1.88
CA VAL A 96 3.17 9.15 -0.51
C VAL A 96 2.83 7.80 0.10
N GLY A 97 2.38 6.87 -0.70
CA GLY A 97 1.96 5.58 -0.22
C GLY A 97 0.61 5.24 -0.79
N LEU A 98 -0.03 4.15 -0.33
CA LEU A 98 -1.36 3.86 -0.78
C LEU A 98 -2.37 4.61 0.00
N ILE A 99 -3.38 4.96 -0.69
CA ILE A 99 -4.55 5.64 -0.13
C ILE A 99 -5.72 4.98 -0.86
N CYS A 100 -6.32 3.93 -0.31
CA CYS A 100 -7.54 3.37 -0.77
C CYS A 100 -8.62 3.93 0.10
N LYS A 101 -9.64 4.52 -0.56
CA LYS A 101 -10.79 5.15 -0.02
C LYS A 101 -12.00 4.57 -0.67
N ASN A 102 -12.84 3.87 0.10
CA ASN A 102 -14.15 3.48 -0.47
C ASN A 102 -14.90 4.84 -0.52
N GLU A 103 -15.21 5.33 -1.71
CA GLU A 103 -15.82 6.65 -1.87
C GLU A 103 -17.26 6.81 -1.39
N ASP A 104 -18.14 5.98 -1.92
CA ASP A 104 -19.56 6.05 -1.58
C ASP A 104 -19.89 4.99 -0.54
N GLN A 105 -20.74 5.34 0.41
CA GLN A 105 -21.05 4.43 1.52
C GLN A 105 -22.09 3.39 1.12
N LYS A 106 -21.62 2.16 1.02
CA LYS A 106 -22.45 0.99 0.73
C LYS A 106 -21.70 -0.10 1.47
N PRO A 107 -22.31 -1.29 1.67
CA PRO A 107 -21.51 -2.30 2.37
C PRO A 107 -20.33 -2.82 1.54
N GLY A 108 -20.33 -2.53 0.24
CA GLY A 108 -19.26 -2.95 -0.64
C GLY A 108 -18.77 -1.82 -1.51
N GLY A 109 -17.60 -2.01 -2.12
CA GLY A 109 -17.04 -1.01 -3.01
C GLY A 109 -17.48 -1.25 -4.44
N VAL A 110 -16.58 -1.02 -5.39
CA VAL A 110 -16.85 -1.29 -6.81
C VAL A 110 -16.45 -2.76 -7.06
N ILE A 111 -15.92 -3.37 -6.01
CA ILE A 111 -15.47 -4.75 -6.03
C ILE A 111 -16.63 -5.50 -5.36
N PRO A 112 -17.07 -6.65 -5.92
CA PRO A 112 -18.23 -7.39 -5.37
C PRO A 112 -17.94 -8.14 -4.06
N MET A 113 -17.65 -7.38 -3.03
CA MET A 113 -17.32 -7.89 -1.72
C MET A 113 -17.69 -6.79 -0.72
N ALA A 114 -16.88 -6.64 0.31
CA ALA A 114 -17.00 -5.61 1.32
C ALA A 114 -16.34 -4.33 0.77
N PHE A 115 -16.36 -3.28 1.58
CA PHE A 115 -15.59 -2.05 1.35
C PHE A 115 -14.13 -2.39 0.98
N CYS A 116 -13.35 -1.36 0.59
CA CYS A 116 -11.93 -1.50 0.19
C CYS A 116 -11.28 -2.76 0.75
N LEU A 117 -11.05 -3.70 -0.16
CA LEU A 117 -10.45 -4.97 0.15
C LEU A 117 -9.08 -4.63 0.66
N ASN A 118 -8.71 -5.14 1.83
CA ASN A 118 -7.44 -4.79 2.40
C ASN A 118 -6.25 -4.92 1.42
N TYR A 119 -5.61 -3.77 1.22
CA TYR A 119 -4.52 -3.68 0.34
C TYR A 119 -3.21 -3.62 1.10
N GLU A 120 -2.15 -3.72 0.33
CA GLU A 120 -0.81 -3.90 0.84
C GLU A 120 0.19 -3.12 0.09
N ILE A 121 1.33 -2.91 0.72
CA ILE A 121 2.42 -2.36 0.08
C ILE A 121 3.64 -3.16 0.28
N ASN A 122 4.61 -2.89 -0.60
CA ASN A 122 5.95 -3.54 -0.58
C ASN A 122 6.82 -2.38 -0.63
N VAL A 123 7.84 -2.32 0.17
CA VAL A 123 8.69 -1.15 0.18
C VAL A 123 10.14 -1.61 0.00
N GLN A 124 10.88 -0.91 -0.81
CA GLN A 124 12.27 -1.21 -1.06
C GLN A 124 12.90 -0.07 -0.17
N CYS A 125 13.97 -0.38 0.54
CA CYS A 125 14.75 0.56 1.34
C CYS A 125 16.18 -0.09 1.43
N CYS A 126 17.21 0.75 1.56
CA CYS A 126 18.63 0.35 1.42
C CYS A 126 19.46 0.25 2.75
N GLU A 127 20.43 -0.67 2.80
CA GLU A 127 21.29 -0.85 3.98
C GLU A 127 22.77 -1.27 3.71
N CYS A 128 23.69 -0.87 4.60
CA CYS A 128 25.10 -1.35 4.66
C CYS A 128 25.47 -1.52 6.17
N VAL A 129 26.49 -2.45 6.49
CA VAL A 129 26.90 -2.82 7.90
C VAL A 129 28.38 -2.75 8.13
CA CA B . -3.55 -2.79 4.21
#